data_2ORY
#
_entry.id   2ORY
#
_cell.length_a   70.694
_cell.length_b   95.102
_cell.length_c   99.700
_cell.angle_alpha   90.00
_cell.angle_beta   90.00
_cell.angle_gamma   90.00
#
_symmetry.space_group_name_H-M   'P 21 21 21'
#
loop_
_entity.id
_entity.type
_entity.pdbx_description
1 polymer Lipase
2 water water
#
_entity_poly.entity_id   1
_entity_poly.type   'polypeptide(L)'
_entity_poly.pdbx_seq_one_letter_code
;MSYTKEQLMLAFSYMSYYGITHTGSAKKNAELILKKMKEALKTWKPFQEDDWEVVWGPAVYTMPFTIFNDAMMYVIQKKG
AEGEYVIAIRGTNPVSISDWLFNDFMVSAMKKWPYASVEGRILKISESTSYGLKTLQKLKPKSHIPGENKTILQFLNEKI
GPEGKAKICVTGHSKGGALSSTLALWLKDIQGVKLSQNIDISTIPFAGPTAGNADFADYFDDCLGDQCTRIANSLDIVPY
AWNTNSLKKLKSIYISEQASVKPLLYQRALIRAMIAETKGKKYKQIKAETPPLEGNINPILIEYLVQAAYQHVVGYPELM
GMMDDIPLTDIFEDAIAGLLHHHHHH
;
_entity_poly.pdbx_strand_id   A,B
#
# COMPACT_ATOMS: atom_id res chain seq x y z
N SER A 2 5.36 0.60 40.05
CA SER A 2 4.52 1.72 39.52
C SER A 2 3.93 1.43 38.12
N TYR A 3 4.72 0.88 37.21
CA TYR A 3 4.20 0.54 35.88
C TYR A 3 3.76 -0.91 35.87
N THR A 4 2.58 -1.20 35.34
CA THR A 4 2.15 -2.59 35.28
C THR A 4 2.87 -3.32 34.14
N LYS A 5 2.74 -4.64 34.11
CA LYS A 5 3.38 -5.45 33.08
C LYS A 5 2.84 -5.02 31.71
N GLU A 6 1.53 -4.81 31.62
CA GLU A 6 0.90 -4.41 30.38
C GLU A 6 1.44 -3.07 29.88
N GLN A 7 1.60 -2.13 30.79
CA GLN A 7 2.14 -0.81 30.43
C GLN A 7 3.59 -0.94 29.97
N LEU A 8 4.32 -1.86 30.59
CA LEU A 8 5.70 -2.05 30.22
C LEU A 8 5.79 -2.59 28.81
N MET A 9 5.02 -3.61 28.51
CA MET A 9 5.01 -4.20 27.18
C MET A 9 4.50 -3.22 26.11
N LEU A 10 3.65 -2.27 26.51
CA LEU A 10 3.15 -1.26 25.56
C LEU A 10 4.36 -0.42 25.15
N ALA A 11 5.22 -0.14 26.14
CA ALA A 11 6.43 0.64 25.90
C ALA A 11 7.38 -0.07 24.94
N PHE A 12 7.51 -1.38 25.09
CA PHE A 12 8.39 -2.13 24.20
C PHE A 12 7.77 -2.25 22.81
N SER A 13 6.45 -2.39 22.77
CA SER A 13 5.76 -2.51 21.50
C SER A 13 5.93 -1.22 20.72
N TYR A 14 5.86 -0.08 21.41
CA TYR A 14 5.99 1.21 20.73
C TYR A 14 7.42 1.61 20.38
N MET A 15 8.37 1.15 21.18
CA MET A 15 9.78 1.43 20.91
C MET A 15 10.15 0.71 19.61
N SER A 16 9.40 -0.33 19.28
CA SER A 16 9.62 -1.11 18.06
C SER A 16 9.46 -0.26 16.80
N TYR A 17 8.63 0.78 16.92
CA TYR A 17 8.34 1.66 15.81
C TYR A 17 9.39 2.70 15.42
N TYR A 18 10.50 2.79 16.15
CA TYR A 18 11.51 3.77 15.79
C TYR A 18 11.96 3.51 14.38
N GLY A 19 12.07 4.57 13.58
CA GLY A 19 12.48 4.41 12.21
C GLY A 19 11.42 3.83 11.27
N ILE A 20 10.16 4.04 11.59
CA ILE A 20 9.08 3.51 10.76
C ILE A 20 9.00 4.24 9.42
N THR A 21 9.45 5.50 9.38
CA THR A 21 9.42 6.28 8.15
C THR A 21 10.82 6.66 7.68
N HIS A 22 11.80 5.81 7.99
CA HIS A 22 13.18 6.06 7.62
C HIS A 22 13.57 5.36 6.32
N THR A 23 13.48 6.09 5.22
CA THR A 23 13.82 5.53 3.91
C THR A 23 15.27 5.88 3.58
N LYS A 28 17.20 -1.08 5.67
CA LYS A 28 18.48 -1.78 5.69
C LYS A 28 19.27 -1.39 6.94
N ASN A 29 18.81 -0.34 7.62
CA ASN A 29 19.50 0.16 8.80
C ASN A 29 18.96 -0.22 10.17
N ALA A 30 19.30 -1.43 10.59
CA ALA A 30 18.88 -1.91 11.89
C ALA A 30 19.76 -1.14 12.86
N GLU A 31 20.87 -0.63 12.32
CA GLU A 31 21.85 0.14 13.09
C GLU A 31 21.24 1.42 13.62
N LEU A 32 20.48 2.12 12.79
CA LEU A 32 19.84 3.35 13.20
C LEU A 32 18.83 3.06 14.31
N ILE A 33 18.08 1.97 14.14
CA ILE A 33 17.07 1.56 15.12
C ILE A 33 17.72 1.17 16.44
N LEU A 34 18.73 0.32 16.36
CA LEU A 34 19.44 -0.14 17.55
C LEU A 34 19.89 1.07 18.38
N LYS A 35 20.51 2.05 17.72
CA LYS A 35 20.97 3.23 18.43
C LYS A 35 19.82 3.89 19.16
N LYS A 36 18.67 3.97 18.49
CA LYS A 36 17.49 4.57 19.08
C LYS A 36 17.00 3.78 20.29
N MET A 37 16.96 2.47 20.17
CA MET A 37 16.50 1.65 21.27
C MET A 37 17.36 1.83 22.53
N LYS A 38 18.68 1.87 22.38
CA LYS A 38 19.58 2.02 23.51
C LYS A 38 19.36 3.34 24.22
N GLU A 39 19.15 4.41 23.46
CA GLU A 39 18.92 5.71 24.09
C GLU A 39 17.60 5.67 24.89
N ALA A 40 16.59 5.06 24.30
CA ALA A 40 15.27 4.93 24.94
C ALA A 40 15.35 4.10 26.23
N LEU A 41 15.95 2.93 26.15
CA LEU A 41 16.06 2.08 27.33
C LEU A 41 16.78 2.82 28.46
N LYS A 42 17.31 4.00 28.15
CA LYS A 42 18.06 4.78 29.12
C LYS A 42 17.34 6.04 29.56
N THR A 43 16.36 6.49 28.80
CA THR A 43 15.66 7.71 29.13
C THR A 43 14.17 7.58 29.37
N TRP A 44 13.52 6.63 28.69
CA TRP A 44 12.08 6.44 28.85
C TRP A 44 11.79 6.06 30.31
N LYS A 45 10.81 6.74 30.92
CA LYS A 45 10.45 6.47 32.30
C LYS A 45 10.30 4.96 32.62
N PRO A 46 9.36 4.28 31.94
CA PRO A 46 9.17 2.85 32.18
C PRO A 46 10.41 1.97 32.13
N PHE A 47 11.47 2.43 31.47
CA PHE A 47 12.69 1.63 31.38
C PHE A 47 13.76 2.03 32.40
N GLN A 48 13.46 2.99 33.26
CA GLN A 48 14.44 3.45 34.24
C GLN A 48 14.46 2.68 35.56
N GLU A 49 13.48 1.80 35.75
CA GLU A 49 13.40 1.04 36.99
C GLU A 49 14.20 -0.26 36.94
N ASP A 50 14.81 -0.54 35.80
CA ASP A 50 15.61 -1.77 35.63
C ASP A 50 16.69 -1.49 34.61
N ASP A 51 17.53 -2.48 34.34
CA ASP A 51 18.57 -2.31 33.35
C ASP A 51 18.34 -3.32 32.25
N TRP A 52 17.90 -2.81 31.11
CA TRP A 52 17.61 -3.66 29.98
C TRP A 52 18.73 -3.66 28.98
N GLU A 53 18.82 -4.75 28.22
CA GLU A 53 19.85 -4.93 27.21
C GLU A 53 19.26 -5.58 25.97
N VAL A 54 19.49 -4.98 24.81
CA VAL A 54 19.00 -5.56 23.55
C VAL A 54 20.00 -6.68 23.29
N VAL A 55 19.55 -7.92 23.31
CA VAL A 55 20.41 -9.07 23.11
C VAL A 55 20.20 -9.80 21.78
N TRP A 56 19.18 -9.41 21.02
CA TRP A 56 18.98 -10.03 19.70
C TRP A 56 18.22 -9.04 18.83
N GLY A 57 18.78 -8.75 17.67
CA GLY A 57 18.16 -7.80 16.78
C GLY A 57 18.59 -6.39 17.16
N PRO A 58 17.94 -5.37 16.60
CA PRO A 58 16.83 -5.56 15.64
C PRO A 58 17.13 -6.25 14.31
N ALA A 59 16.31 -7.23 13.97
CA ALA A 59 16.39 -7.94 12.69
C ALA A 59 15.26 -7.30 11.87
N VAL A 60 15.61 -6.72 10.74
CA VAL A 60 14.63 -6.02 9.92
C VAL A 60 14.37 -6.68 8.58
N TYR A 61 13.10 -6.70 8.17
CA TYR A 61 12.72 -7.21 6.88
C TYR A 61 12.18 -6.00 6.13
N THR A 62 12.90 -5.57 5.08
CA THR A 62 12.52 -4.41 4.26
C THR A 62 13.21 -4.51 2.90
N MET A 63 12.45 -4.18 1.87
CA MET A 63 12.92 -4.22 0.48
C MET A 63 12.50 -2.90 -0.15
N PRO A 64 13.34 -2.34 -1.04
CA PRO A 64 12.96 -1.08 -1.67
C PRO A 64 11.66 -1.17 -2.47
N PHE A 65 10.98 -0.04 -2.64
CA PHE A 65 9.74 0.05 -3.42
C PHE A 65 8.52 -0.71 -2.91
N THR A 66 8.55 -1.08 -1.63
CA THR A 66 7.43 -1.75 -0.98
C THR A 66 7.60 -1.64 0.54
N ILE A 67 6.52 -1.40 1.26
CA ILE A 67 6.57 -1.27 2.72
C ILE A 67 5.46 -2.06 3.41
N PHE A 68 4.41 -2.38 2.66
CA PHE A 68 3.28 -3.08 3.25
C PHE A 68 3.67 -4.34 4.02
N ASN A 69 4.79 -4.95 3.68
CA ASN A 69 5.20 -6.18 4.38
C ASN A 69 6.41 -6.00 5.26
N ASP A 70 6.75 -4.76 5.57
CA ASP A 70 7.88 -4.46 6.43
C ASP A 70 7.68 -5.17 7.76
N ALA A 71 8.76 -5.52 8.42
CA ALA A 71 8.66 -6.19 9.71
C ALA A 71 9.95 -6.04 10.48
N MET A 72 9.86 -6.16 11.81
CA MET A 72 11.03 -6.04 12.67
C MET A 72 10.80 -6.79 13.97
N MET A 73 11.86 -7.44 14.47
CA MET A 73 11.76 -8.16 15.73
C MET A 73 13.09 -8.05 16.48
N TYR A 74 13.00 -7.91 17.79
CA TYR A 74 14.19 -7.85 18.65
C TYR A 74 13.82 -8.49 19.99
N VAL A 75 14.86 -8.78 20.78
CA VAL A 75 14.69 -9.38 22.10
C VAL A 75 15.44 -8.55 23.15
N ILE A 76 14.73 -8.15 24.23
CA ILE A 76 15.34 -7.37 25.31
C ILE A 76 15.46 -8.32 26.50
N GLN A 77 16.59 -8.26 27.19
CA GLN A 77 16.81 -9.10 28.36
C GLN A 77 17.00 -8.21 29.57
N LYS A 78 16.29 -8.52 30.65
CA LYS A 78 16.43 -7.75 31.88
C LYS A 78 17.76 -8.11 32.54
N LYS A 79 18.64 -7.12 32.75
CA LYS A 79 19.95 -7.35 33.37
C LYS A 79 19.80 -8.00 34.74
N GLY A 80 20.78 -8.83 35.12
CA GLY A 80 20.71 -9.48 36.41
C GLY A 80 19.74 -10.63 36.45
N ALA A 81 18.46 -10.34 36.21
CA ALA A 81 17.43 -11.37 36.22
C ALA A 81 17.84 -12.47 35.25
N GLU A 82 18.00 -13.69 35.77
CA GLU A 82 18.38 -14.81 34.93
C GLU A 82 17.18 -15.30 34.13
N GLY A 83 17.36 -15.43 32.82
CA GLY A 83 16.28 -15.90 31.97
C GLY A 83 14.99 -15.08 32.00
N GLU A 84 15.09 -13.78 31.76
CA GLU A 84 13.91 -12.90 31.73
C GLU A 84 14.00 -12.11 30.41
N TYR A 85 13.22 -12.54 29.42
CA TYR A 85 13.26 -11.88 28.13
C TYR A 85 11.95 -11.34 27.58
N VAL A 86 12.08 -10.32 26.74
CA VAL A 86 10.94 -9.74 26.04
C VAL A 86 11.22 -9.85 24.53
N ILE A 87 10.31 -10.48 23.77
CA ILE A 87 10.47 -10.53 22.31
C ILE A 87 9.42 -9.53 21.78
N ALA A 88 9.85 -8.46 21.14
CA ALA A 88 8.92 -7.45 20.62
C ALA A 88 8.88 -7.51 19.09
N ILE A 89 7.68 -7.38 18.53
CA ILE A 89 7.48 -7.49 17.09
C ILE A 89 6.75 -6.30 16.50
N ARG A 90 7.20 -5.88 15.34
CA ARG A 90 6.62 -4.73 14.62
C ARG A 90 6.32 -5.17 13.20
N GLY A 91 5.29 -4.57 12.61
CA GLY A 91 4.92 -4.82 11.23
C GLY A 91 5.14 -3.51 10.50
N THR A 92 4.29 -3.17 9.53
CA THR A 92 4.41 -1.93 8.76
C THR A 92 3.88 -0.71 9.53
N ASN A 93 4.18 0.48 9.03
CA ASN A 93 3.70 1.70 9.65
C ASN A 93 2.21 1.51 9.81
N PRO A 94 1.75 1.45 11.07
CA PRO A 94 0.33 1.23 11.41
C PRO A 94 -0.72 2.31 11.11
N VAL A 95 -0.32 3.54 10.79
CA VAL A 95 -1.33 4.59 10.57
C VAL A 95 -2.18 4.43 9.33
N SER A 96 -1.61 3.84 8.29
CA SER A 96 -2.29 3.66 7.02
C SER A 96 -3.14 2.40 7.01
N ILE A 97 -4.01 2.26 7.99
CA ILE A 97 -4.86 1.08 8.11
C ILE A 97 -5.58 0.61 6.84
N SER A 98 -6.18 1.53 6.10
CA SER A 98 -6.93 1.15 4.89
C SER A 98 -6.05 0.45 3.85
N ASP A 99 -4.78 0.84 3.81
CA ASP A 99 -3.85 0.25 2.85
C ASP A 99 -3.31 -1.11 3.27
N TRP A 100 -2.70 -1.23 4.46
CA TRP A 100 -2.15 -2.51 4.86
C TRP A 100 -3.16 -3.52 5.43
N LEU A 101 -4.30 -3.04 5.91
CA LEU A 101 -5.32 -3.93 6.46
C LEU A 101 -6.48 -4.21 5.47
N PHE A 102 -7.23 -3.18 5.08
CA PHE A 102 -8.34 -3.39 4.15
C PHE A 102 -7.94 -4.02 2.80
N ASN A 103 -6.77 -3.68 2.27
CA ASN A 103 -6.35 -4.22 0.98
C ASN A 103 -5.54 -5.52 1.06
N ASP A 104 -5.64 -6.24 2.17
CA ASP A 104 -4.90 -7.50 2.33
C ASP A 104 -5.52 -8.68 1.55
N PHE A 105 -4.94 -9.02 0.41
CA PHE A 105 -5.45 -10.11 -0.42
C PHE A 105 -5.28 -11.45 0.27
N MET A 106 -4.19 -11.56 1.01
CA MET A 106 -3.78 -12.79 1.69
C MET A 106 -4.63 -13.36 2.82
N VAL A 107 -5.81 -12.83 3.06
CA VAL A 107 -6.63 -13.40 4.10
C VAL A 107 -7.71 -14.26 3.49
N SER A 108 -7.83 -14.22 2.17
CA SER A 108 -8.85 -15.05 1.50
C SER A 108 -8.41 -16.50 1.38
N ALA A 109 -7.12 -16.75 1.49
CA ALA A 109 -6.56 -18.09 1.41
C ALA A 109 -6.01 -18.41 2.79
N MET A 110 -6.08 -19.67 3.22
CA MET A 110 -5.58 -20.05 4.55
C MET A 110 -4.72 -21.30 4.56
N LYS A 111 -3.90 -21.42 5.60
CA LYS A 111 -3.02 -22.57 5.80
C LYS A 111 -3.29 -23.22 7.16
N LYS A 112 -3.25 -24.55 7.20
CA LYS A 112 -3.52 -25.20 8.46
C LYS A 112 -2.32 -24.95 9.35
N TRP A 113 -2.60 -24.72 10.64
CA TRP A 113 -1.57 -24.49 11.64
C TRP A 113 -0.66 -25.70 11.56
N PRO A 114 0.62 -25.48 11.28
CA PRO A 114 1.55 -26.60 11.18
C PRO A 114 2.17 -27.17 12.45
N TYR A 115 1.97 -26.55 13.60
CA TYR A 115 2.63 -27.04 14.81
C TYR A 115 1.81 -27.80 15.84
N ALA A 116 0.55 -28.06 15.55
CA ALA A 116 -0.30 -28.81 16.47
C ALA A 116 -1.63 -29.15 15.79
N SER A 117 -2.22 -30.27 16.22
CA SER A 117 -3.48 -30.73 15.68
C SER A 117 -4.45 -31.01 16.82
N VAL A 118 -5.75 -30.91 16.53
CA VAL A 118 -6.77 -31.16 17.53
C VAL A 118 -7.92 -32.00 16.97
N GLU A 119 -8.15 -33.14 17.63
CA GLU A 119 -9.19 -34.10 17.29
C GLU A 119 -10.49 -33.45 16.90
N GLY A 120 -10.90 -33.67 15.67
CA GLY A 120 -12.15 -33.09 15.21
C GLY A 120 -12.14 -31.58 15.06
N ARG A 121 -10.94 -31.01 14.88
CA ARG A 121 -10.81 -29.55 14.69
C ARG A 121 -9.92 -29.26 13.48
N ILE A 122 -10.15 -28.13 12.82
CA ILE A 122 -9.36 -27.74 11.67
C ILE A 122 -8.80 -26.34 11.95
N LEU A 123 -7.60 -26.30 12.52
CA LEU A 123 -6.92 -25.06 12.85
C LEU A 123 -6.28 -24.48 11.62
N LYS A 124 -6.62 -23.24 11.32
CA LYS A 124 -6.08 -22.56 10.15
C LYS A 124 -5.80 -21.09 10.42
N ILE A 125 -4.73 -20.62 9.79
CA ILE A 125 -4.35 -19.22 9.90
C ILE A 125 -4.34 -18.64 8.48
N SER A 126 -4.49 -17.33 8.37
CA SER A 126 -4.48 -16.69 7.06
C SER A 126 -3.07 -16.85 6.49
N GLU A 127 -2.95 -16.86 5.17
CA GLU A 127 -1.63 -16.95 4.55
C GLU A 127 -0.90 -15.69 4.94
N SER A 128 -1.67 -14.61 5.09
CA SER A 128 -1.13 -13.32 5.50
C SER A 128 -0.26 -13.46 6.75
N THR A 129 -0.84 -14.01 7.82
CA THR A 129 -0.05 -14.16 9.05
C THR A 129 0.97 -15.30 8.86
N SER A 130 0.60 -16.32 8.10
CA SER A 130 1.52 -17.43 7.84
C SER A 130 2.84 -16.90 7.23
N TYR A 131 2.74 -16.04 6.23
CA TYR A 131 3.96 -15.48 5.63
C TYR A 131 4.65 -14.54 6.62
N GLY A 132 3.87 -13.84 7.42
CA GLY A 132 4.45 -12.93 8.40
C GLY A 132 5.29 -13.70 9.43
N LEU A 133 4.74 -14.80 9.93
CA LEU A 133 5.44 -15.64 10.91
C LEU A 133 6.72 -16.26 10.30
N LYS A 134 6.62 -16.76 9.06
CA LYS A 134 7.77 -17.38 8.39
C LYS A 134 8.90 -16.37 8.20
N THR A 135 8.57 -15.12 7.89
CA THR A 135 9.60 -14.11 7.75
C THR A 135 10.27 -13.87 9.11
N LEU A 136 9.50 -13.90 10.21
CA LEU A 136 10.10 -13.72 11.55
C LEU A 136 10.96 -14.93 11.95
N GLN A 137 10.59 -16.13 11.50
CA GLN A 137 11.31 -17.36 11.84
C GLN A 137 12.62 -17.45 11.08
N LYS A 138 12.72 -16.72 9.98
CA LYS A 138 13.93 -16.77 9.19
C LYS A 138 14.81 -15.56 9.34
N LEU A 139 14.32 -14.52 10.02
CA LEU A 139 15.12 -13.32 10.21
C LEU A 139 16.41 -13.61 10.94
N LYS A 140 17.46 -12.86 10.61
CA LYS A 140 18.76 -12.99 11.26
C LYS A 140 19.36 -11.59 11.35
N PRO A 141 19.80 -11.19 12.56
CA PRO A 141 20.38 -9.86 12.70
C PRO A 141 21.63 -9.83 11.82
N LYS A 142 21.97 -8.67 11.30
CA LYS A 142 23.16 -8.55 10.45
C LYS A 142 24.41 -8.34 11.30
N SER A 143 25.54 -8.18 10.65
CA SER A 143 26.81 -7.94 11.32
C SER A 143 26.76 -6.72 12.24
N HIS A 144 27.42 -6.85 13.40
CA HIS A 144 27.52 -5.78 14.39
C HIS A 144 26.24 -5.52 15.15
N ILE A 145 25.24 -6.35 14.86
CA ILE A 145 23.95 -6.24 15.53
C ILE A 145 23.86 -7.41 16.51
N PRO A 146 23.39 -7.15 17.74
CA PRO A 146 23.32 -8.30 18.64
C PRO A 146 22.55 -9.48 18.04
N GLY A 147 23.00 -10.69 18.36
CA GLY A 147 22.37 -11.89 17.86
C GLY A 147 22.73 -12.18 16.42
N GLU A 148 23.78 -11.50 15.96
CA GLU A 148 24.29 -11.61 14.61
C GLU A 148 24.27 -13.04 14.03
N ASN A 149 23.64 -13.19 12.86
CA ASN A 149 23.55 -14.44 12.13
C ASN A 149 22.86 -15.62 12.76
N LYS A 150 21.88 -15.37 13.61
CA LYS A 150 21.15 -16.45 14.25
C LYS A 150 19.66 -16.17 14.16
N THR A 151 18.87 -17.21 13.89
CA THR A 151 17.42 -17.05 13.83
C THR A 151 16.98 -16.89 15.28
N ILE A 152 15.74 -16.50 15.51
CA ILE A 152 15.26 -16.33 16.87
C ILE A 152 15.34 -17.67 17.60
N LEU A 153 14.95 -18.75 16.93
CA LEU A 153 14.98 -20.07 17.57
C LEU A 153 16.41 -20.49 17.94
N GLN A 154 17.35 -20.32 17.02
CA GLN A 154 18.73 -20.67 17.30
C GLN A 154 19.25 -19.81 18.47
N PHE A 155 18.94 -18.52 18.47
CA PHE A 155 19.40 -17.64 19.54
C PHE A 155 18.89 -18.06 20.93
N LEU A 156 17.59 -18.36 21.02
CA LEU A 156 17.00 -18.77 22.29
C LEU A 156 17.63 -20.07 22.77
N ASN A 157 17.74 -21.06 21.88
CA ASN A 157 18.30 -22.34 22.27
C ASN A 157 19.74 -22.19 22.74
N GLU A 158 20.48 -21.29 22.12
CA GLU A 158 21.87 -21.05 22.47
C GLU A 158 21.99 -20.25 23.77
N LYS A 159 21.08 -19.32 23.95
CA LYS A 159 21.05 -18.45 25.12
C LYS A 159 20.49 -19.18 26.33
N ILE A 160 19.37 -19.89 26.15
CA ILE A 160 18.75 -20.58 27.27
C ILE A 160 19.22 -22.02 27.49
N GLY A 161 19.81 -22.64 26.47
CA GLY A 161 20.25 -24.02 26.61
C GLY A 161 19.06 -24.94 26.34
N PRO A 162 19.30 -26.20 25.92
CA PRO A 162 18.22 -27.16 25.64
C PRO A 162 17.25 -27.44 26.78
N GLU A 163 17.65 -27.20 28.02
CA GLU A 163 16.77 -27.45 29.16
C GLU A 163 16.67 -26.28 30.13
N GLY A 164 17.28 -25.16 29.74
CA GLY A 164 17.29 -24.00 30.60
C GLY A 164 15.96 -23.47 31.05
N LYS A 165 15.98 -22.76 32.17
CA LYS A 165 14.80 -22.18 32.75
C LYS A 165 14.79 -20.69 32.41
N ALA A 166 13.66 -20.19 31.92
CA ALA A 166 13.54 -18.78 31.55
C ALA A 166 12.11 -18.31 31.52
N LYS A 167 11.96 -17.01 31.32
CA LYS A 167 10.65 -16.39 31.26
C LYS A 167 10.69 -15.53 29.99
N ILE A 168 9.70 -15.69 29.13
CA ILE A 168 9.66 -14.90 27.92
C ILE A 168 8.28 -14.34 27.69
N CYS A 169 8.19 -13.03 27.48
CA CYS A 169 6.91 -12.40 27.15
C CYS A 169 7.05 -11.92 25.69
N VAL A 170 6.09 -12.29 24.84
CA VAL A 170 6.14 -11.86 23.43
C VAL A 170 5.08 -10.79 23.28
N THR A 171 5.48 -9.61 22.85
CA THR A 171 4.55 -8.50 22.69
C THR A 171 4.68 -7.81 21.32
N GLY A 172 3.67 -7.03 20.98
CA GLY A 172 3.67 -6.33 19.71
C GLY A 172 2.36 -5.60 19.52
N HIS A 173 2.38 -4.58 18.68
CA HIS A 173 1.21 -3.74 18.37
C HIS A 173 0.82 -3.81 16.89
N SER A 174 -0.46 -3.68 16.59
CA SER A 174 -0.95 -3.69 15.20
C SER A 174 -0.68 -5.07 14.59
N LYS A 175 -0.09 -5.12 13.40
CA LYS A 175 0.23 -6.43 12.82
C LYS A 175 1.08 -7.20 13.86
N GLY A 176 1.85 -6.44 14.64
CA GLY A 176 2.71 -7.03 15.66
C GLY A 176 1.91 -7.70 16.77
N GLY A 177 0.65 -7.30 16.91
CA GLY A 177 -0.20 -7.91 17.92
C GLY A 177 -0.61 -9.30 17.46
N ALA A 178 -0.94 -9.41 16.19
CA ALA A 178 -1.34 -10.67 15.60
C ALA A 178 -0.14 -11.63 15.50
N LEU A 179 1.02 -11.09 15.11
CA LEU A 179 2.23 -11.87 14.95
C LEU A 179 2.84 -12.34 16.28
N SER A 180 2.92 -11.45 17.26
CA SER A 180 3.50 -11.83 18.54
C SER A 180 2.71 -12.96 19.18
N SER A 181 1.39 -12.82 19.24
CA SER A 181 0.61 -13.87 19.88
C SER A 181 0.77 -15.17 19.08
N THR A 182 0.81 -15.06 17.76
CA THR A 182 0.98 -16.22 16.93
C THR A 182 2.38 -16.81 17.14
N LEU A 183 3.40 -15.96 17.22
CA LEU A 183 4.76 -16.45 17.41
C LEU A 183 4.87 -17.17 18.75
N ALA A 184 4.26 -16.60 19.79
CA ALA A 184 4.28 -17.19 21.13
C ALA A 184 3.70 -18.60 21.11
N LEU A 185 2.61 -18.80 20.37
CA LEU A 185 2.00 -20.13 20.28
C LEU A 185 2.95 -21.10 19.58
N TRP A 186 3.69 -20.62 18.57
CA TRP A 186 4.61 -21.49 17.88
C TRP A 186 5.71 -21.96 18.82
N LEU A 187 6.22 -21.05 19.65
CA LEU A 187 7.27 -21.39 20.63
C LEU A 187 6.71 -22.40 21.63
N LYS A 188 5.47 -22.18 22.05
CA LYS A 188 4.77 -23.07 22.96
C LYS A 188 4.67 -24.48 22.34
N ASP A 189 4.17 -24.54 21.10
CA ASP A 189 3.99 -25.80 20.42
C ASP A 189 5.23 -26.63 20.14
N ILE A 190 6.41 -26.00 20.10
CA ILE A 190 7.62 -26.77 19.84
C ILE A 190 8.47 -27.00 21.10
N GLN A 191 7.92 -26.63 22.24
CA GLN A 191 8.62 -26.83 23.51
C GLN A 191 8.72 -28.33 23.78
N GLY A 192 9.88 -28.76 24.26
CA GLY A 192 10.08 -30.16 24.55
C GLY A 192 10.61 -30.89 23.35
N VAL A 193 10.71 -30.17 22.25
CA VAL A 193 11.21 -30.73 21.01
C VAL A 193 12.34 -29.90 20.47
N LYS A 194 12.08 -28.61 20.27
CA LYS A 194 13.09 -27.74 19.71
C LYS A 194 13.32 -26.54 20.60
N LEU A 195 12.65 -26.52 21.75
CA LEU A 195 12.81 -25.42 22.69
C LEU A 195 12.68 -25.98 24.11
N SER A 196 13.44 -25.43 25.04
CA SER A 196 13.36 -25.91 26.43
C SER A 196 11.93 -25.86 26.93
N GLN A 197 11.54 -26.91 27.64
CA GLN A 197 10.20 -26.99 28.19
C GLN A 197 10.13 -26.17 29.48
N ASN A 198 11.31 -25.79 29.98
CA ASN A 198 11.37 -25.04 31.22
C ASN A 198 11.26 -23.52 31.07
N ILE A 199 10.73 -23.07 29.94
CA ILE A 199 10.56 -21.65 29.77
C ILE A 199 9.07 -21.33 29.88
N ASP A 200 8.76 -20.23 30.57
CA ASP A 200 7.37 -19.77 30.77
C ASP A 200 7.10 -18.73 29.71
N ILE A 201 6.20 -19.08 28.79
CA ILE A 201 5.86 -18.21 27.68
C ILE A 201 4.53 -17.52 27.85
N SER A 202 4.55 -16.19 27.75
CA SER A 202 3.33 -15.40 27.86
C SER A 202 3.33 -14.38 26.73
N THR A 203 2.18 -13.77 26.48
CA THR A 203 2.11 -12.76 25.43
C THR A 203 1.07 -11.70 25.72
N ILE A 204 1.42 -10.45 25.42
CA ILE A 204 0.53 -9.32 25.58
C ILE A 204 0.49 -8.58 24.25
N PRO A 205 -0.41 -9.01 23.36
CA PRO A 205 -0.57 -8.39 22.03
C PRO A 205 -1.59 -7.27 22.02
N PHE A 206 -1.19 -6.12 21.48
CA PHE A 206 -2.08 -4.95 21.39
C PHE A 206 -2.64 -4.74 19.99
N ALA A 207 -3.88 -4.24 19.94
CA ALA A 207 -4.50 -3.84 18.69
C ALA A 207 -4.34 -4.74 17.48
N GLY A 208 -4.37 -6.04 17.70
CA GLY A 208 -4.17 -6.94 16.58
C GLY A 208 -5.40 -7.49 15.92
N PRO A 209 -5.34 -7.70 14.60
CA PRO A 209 -6.50 -8.24 13.88
C PRO A 209 -6.43 -9.76 14.11
N THR A 210 -7.43 -10.50 13.63
CA THR A 210 -7.49 -11.95 13.77
C THR A 210 -6.45 -12.66 12.92
N ALA A 211 -5.60 -13.45 13.55
CA ALA A 211 -4.59 -14.19 12.81
C ALA A 211 -5.19 -15.42 12.10
N GLY A 212 -6.16 -16.08 12.73
CA GLY A 212 -6.73 -17.28 12.12
C GLY A 212 -8.20 -17.57 12.42
N ASN A 213 -8.61 -18.83 12.24
CA ASN A 213 -10.02 -19.19 12.46
C ASN A 213 -10.39 -19.55 13.89
N ALA A 214 -11.69 -19.77 14.12
CA ALA A 214 -12.20 -20.12 15.45
C ALA A 214 -11.46 -21.28 16.10
N ASP A 215 -11.28 -22.37 15.36
CA ASP A 215 -10.56 -23.53 15.87
C ASP A 215 -9.11 -23.18 16.26
N PHE A 216 -8.47 -22.28 15.52
CA PHE A 216 -7.09 -21.87 15.82
C PHE A 216 -7.12 -21.04 17.10
N ALA A 217 -8.04 -20.07 17.13
CA ALA A 217 -8.23 -19.18 18.27
C ALA A 217 -8.62 -19.97 19.53
N ASP A 218 -9.48 -20.96 19.40
CA ASP A 218 -9.86 -21.76 20.58
C ASP A 218 -8.66 -22.59 21.06
N TYR A 219 -7.87 -23.14 20.14
CA TYR A 219 -6.71 -23.88 20.56
C TYR A 219 -5.77 -22.93 21.29
N PHE A 220 -5.54 -21.75 20.70
CA PHE A 220 -4.66 -20.75 21.33
C PHE A 220 -5.11 -20.43 22.78
N ASP A 221 -6.40 -20.20 22.98
CA ASP A 221 -6.95 -19.88 24.30
C ASP A 221 -6.64 -20.99 25.30
N ASP A 222 -6.94 -22.21 24.89
CA ASP A 222 -6.70 -23.37 25.73
C ASP A 222 -5.22 -23.52 26.06
N CYS A 223 -4.34 -23.03 25.18
CA CYS A 223 -2.90 -23.14 25.42
C CYS A 223 -2.27 -22.03 26.25
N LEU A 224 -2.64 -20.78 26.01
CA LEU A 224 -2.08 -19.68 26.80
C LEU A 224 -2.95 -19.28 27.98
N GLY A 225 -4.26 -19.51 27.84
CA GLY A 225 -5.17 -19.15 28.91
C GLY A 225 -4.85 -17.80 29.50
N ASP A 226 -4.44 -17.80 30.76
CA ASP A 226 -4.12 -16.55 31.46
C ASP A 226 -2.81 -15.93 31.01
N GLN A 227 -1.94 -16.73 30.40
CA GLN A 227 -0.66 -16.21 29.93
C GLN A 227 -0.78 -15.28 28.73
N CYS A 228 -2.01 -15.00 28.29
CA CYS A 228 -2.23 -14.04 27.20
C CYS A 228 -3.21 -12.97 27.65
N THR A 229 -2.78 -11.72 27.52
CA THR A 229 -3.64 -10.59 27.84
C THR A 229 -3.80 -9.80 26.54
N ARG A 230 -4.94 -9.94 25.90
CA ARG A 230 -5.23 -9.26 24.63
C ARG A 230 -5.80 -7.88 24.90
N ILE A 231 -5.06 -6.85 24.52
CA ILE A 231 -5.51 -5.48 24.76
C ILE A 231 -5.96 -4.78 23.49
N ALA A 232 -7.25 -4.45 23.44
CA ALA A 232 -7.85 -3.76 22.30
C ALA A 232 -8.69 -2.58 22.74
N ASN A 233 -8.58 -1.48 21.99
CA ASN A 233 -9.33 -0.26 22.22
C ASN A 233 -10.69 -0.50 21.52
N SER A 234 -11.79 -0.25 22.20
CA SER A 234 -13.11 -0.48 21.58
C SER A 234 -13.36 0.32 20.30
N LEU A 235 -12.70 1.46 20.16
CA LEU A 235 -12.92 2.27 18.96
C LEU A 235 -11.84 2.10 17.90
N ASP A 236 -10.91 1.19 18.14
CA ASP A 236 -9.86 0.92 17.18
C ASP A 236 -10.45 -0.09 16.20
N ILE A 237 -10.50 0.25 14.92
CA ILE A 237 -11.07 -0.65 13.92
C ILE A 237 -10.23 -1.90 13.61
N VAL A 238 -8.91 -1.83 13.75
CA VAL A 238 -8.05 -2.97 13.42
C VAL A 238 -8.44 -4.33 13.98
N PRO A 239 -8.66 -4.41 15.31
CA PRO A 239 -9.06 -5.69 15.90
C PRO A 239 -10.38 -6.20 15.34
N TYR A 240 -11.11 -5.33 14.64
CA TYR A 240 -12.42 -5.74 14.09
C TYR A 240 -12.37 -6.60 12.83
N ALA A 241 -11.17 -6.86 12.33
CA ALA A 241 -10.98 -7.71 11.16
C ALA A 241 -10.33 -8.99 11.67
N TRP A 242 -10.66 -10.14 11.10
CA TRP A 242 -11.60 -10.28 10.00
C TRP A 242 -12.84 -11.10 10.36
N ASN A 243 -13.20 -11.15 11.63
CA ASN A 243 -14.41 -11.88 12.00
C ASN A 243 -15.55 -11.19 11.26
N THR A 244 -16.41 -11.96 10.58
CA THR A 244 -17.50 -11.35 9.81
C THR A 244 -18.41 -10.42 10.60
N ASN A 245 -18.86 -10.83 11.78
CA ASN A 245 -19.73 -9.98 12.60
C ASN A 245 -19.06 -8.66 12.94
N SER A 246 -17.80 -8.75 13.33
CA SER A 246 -17.01 -7.58 13.67
C SER A 246 -16.86 -6.62 12.48
N LEU A 247 -16.61 -7.19 11.31
CA LEU A 247 -16.43 -6.36 10.13
C LEU A 247 -17.67 -5.50 9.86
N LYS A 248 -18.84 -6.08 10.10
CA LYS A 248 -20.08 -5.35 9.87
C LYS A 248 -20.35 -4.20 10.85
N LYS A 249 -19.39 -3.95 11.73
CA LYS A 249 -19.52 -2.87 12.70
C LYS A 249 -18.63 -1.69 12.36
N LEU A 250 -17.76 -1.87 11.35
CA LEU A 250 -16.83 -0.83 10.94
C LEU A 250 -17.47 0.42 10.36
N LYS A 251 -18.52 0.27 9.57
CA LYS A 251 -19.17 1.45 8.98
C LYS A 251 -19.69 2.50 9.99
N SER A 252 -20.14 2.06 11.15
CA SER A 252 -20.69 2.98 12.14
C SER A 252 -20.00 2.99 13.50
N ILE A 253 -18.74 2.55 13.50
CA ILE A 253 -17.95 2.50 14.73
C ILE A 253 -17.80 3.88 15.37
N TYR A 254 -17.77 4.94 14.55
CA TYR A 254 -17.59 6.29 15.07
C TYR A 254 -18.85 7.14 14.97
N ILE A 255 -20.00 6.50 15.11
CA ILE A 255 -21.26 7.20 15.05
C ILE A 255 -21.91 7.08 16.41
N SER A 256 -21.85 8.15 17.18
CA SER A 256 -22.46 8.17 18.50
C SER A 256 -23.50 9.28 18.57
N GLU A 257 -23.67 9.83 19.77
CA GLU A 257 -24.62 10.91 19.98
C GLU A 257 -23.78 12.14 20.31
N GLN A 258 -22.47 11.95 20.36
CA GLN A 258 -21.54 13.01 20.66
C GLN A 258 -20.82 13.46 19.39
N ALA A 259 -20.78 12.56 18.40
CA ALA A 259 -20.12 12.84 17.14
C ALA A 259 -20.50 11.82 16.08
N SER A 260 -20.25 12.17 14.82
CA SER A 260 -20.56 11.28 13.71
C SER A 260 -19.52 11.36 12.61
N VAL A 261 -18.58 10.41 12.63
CA VAL A 261 -17.52 10.35 11.64
C VAL A 261 -17.74 9.13 10.76
N LYS A 262 -18.13 9.33 9.52
CA LYS A 262 -18.39 8.20 8.63
C LYS A 262 -17.34 7.95 7.55
N PRO A 263 -17.20 6.69 7.14
CA PRO A 263 -16.24 6.27 6.12
C PRO A 263 -16.66 6.74 4.72
N LEU A 264 -15.69 7.17 3.91
CA LEU A 264 -15.96 7.58 2.55
C LEU A 264 -16.42 6.34 1.79
N LEU A 265 -17.05 6.55 0.64
CA LEU A 265 -17.54 5.43 -0.16
C LEU A 265 -16.46 4.42 -0.56
N TYR A 266 -15.25 4.91 -0.84
CA TYR A 266 -14.17 4.02 -1.26
C TYR A 266 -13.92 3.03 -0.14
N GLN A 267 -13.92 3.51 1.10
CA GLN A 267 -13.72 2.61 2.24
C GLN A 267 -14.93 1.69 2.46
N ARG A 268 -16.13 2.18 2.17
CA ARG A 268 -17.34 1.35 2.33
C ARG A 268 -17.24 0.18 1.36
N ALA A 269 -16.74 0.44 0.14
CA ALA A 269 -16.57 -0.61 -0.86
C ALA A 269 -15.51 -1.61 -0.39
N LEU A 270 -14.42 -1.12 0.21
CA LEU A 270 -13.37 -2.02 0.71
C LEU A 270 -13.91 -2.89 1.83
N ILE A 271 -14.68 -2.29 2.75
CA ILE A 271 -15.27 -3.05 3.85
C ILE A 271 -16.13 -4.19 3.29
N ARG A 272 -17.03 -3.87 2.36
CA ARG A 272 -17.89 -4.90 1.76
C ARG A 272 -17.05 -5.96 1.07
N ALA A 273 -15.99 -5.57 0.37
CA ALA A 273 -15.13 -6.56 -0.27
C ALA A 273 -14.49 -7.48 0.80
N MET A 274 -14.01 -6.91 1.90
CA MET A 274 -13.41 -7.70 2.99
C MET A 274 -14.41 -8.73 3.53
N ILE A 275 -15.67 -8.29 3.72
CA ILE A 275 -16.69 -9.19 4.24
C ILE A 275 -16.90 -10.30 3.24
N ALA A 276 -17.10 -9.93 1.98
CA ALA A 276 -17.26 -10.90 0.91
C ALA A 276 -16.11 -11.92 0.81
N GLU A 277 -14.86 -11.44 0.86
CA GLU A 277 -13.74 -12.37 0.74
C GLU A 277 -13.40 -13.24 1.95
N THR A 278 -13.90 -12.88 3.13
CA THR A 278 -13.62 -13.69 4.32
C THR A 278 -14.87 -14.40 4.85
N LYS A 279 -15.95 -14.31 4.07
CA LYS A 279 -17.20 -14.97 4.41
C LYS A 279 -17.00 -16.49 4.43
N GLY A 280 -17.39 -17.12 5.53
CA GLY A 280 -17.24 -18.56 5.64
C GLY A 280 -15.88 -19.00 6.16
N LYS A 281 -14.97 -18.06 6.36
CA LYS A 281 -13.63 -18.38 6.86
C LYS A 281 -13.61 -18.61 8.37
N LYS A 282 -14.65 -18.14 9.05
CA LYS A 282 -14.80 -18.28 10.48
C LYS A 282 -13.63 -17.65 11.27
N TYR A 283 -13.19 -16.48 10.81
CA TYR A 283 -12.11 -15.74 11.44
C TYR A 283 -12.59 -15.33 12.83
N LYS A 284 -11.75 -15.50 13.83
CA LYS A 284 -12.14 -15.15 15.20
C LYS A 284 -10.97 -14.70 16.06
N GLN A 285 -11.25 -13.76 16.95
CA GLN A 285 -10.27 -13.17 17.84
C GLN A 285 -9.88 -14.20 18.90
N ILE A 286 -8.63 -14.14 19.35
CA ILE A 286 -8.12 -15.00 20.41
C ILE A 286 -8.61 -14.23 21.64
N LYS A 287 -8.85 -14.93 22.75
CA LYS A 287 -9.40 -14.28 23.95
C LYS A 287 -10.47 -13.30 23.48
N ALA A 288 -11.42 -13.81 22.71
CA ALA A 288 -12.50 -13.00 22.16
C ALA A 288 -13.47 -12.41 23.20
N GLU A 289 -13.50 -12.95 24.40
CA GLU A 289 -14.41 -12.43 25.42
C GLU A 289 -13.76 -11.35 26.26
N THR A 290 -12.47 -11.11 26.04
CA THR A 290 -11.77 -10.09 26.80
C THR A 290 -12.40 -8.72 26.60
N PRO A 291 -12.67 -7.99 27.70
CA PRO A 291 -13.26 -6.66 27.57
C PRO A 291 -12.20 -5.66 27.11
N PRO A 292 -12.55 -4.82 26.13
CA PRO A 292 -11.64 -3.81 25.59
C PRO A 292 -11.57 -2.59 26.47
N LEU A 293 -10.64 -1.70 26.16
CA LEU A 293 -10.49 -0.45 26.86
C LEU A 293 -11.54 0.40 26.15
N GLU A 294 -12.48 0.97 26.89
CA GLU A 294 -13.53 1.80 26.27
C GLU A 294 -12.88 3.08 25.76
N GLY A 295 -12.86 3.24 24.44
CA GLY A 295 -12.26 4.42 23.86
C GLY A 295 -13.22 5.59 23.71
N ASN A 296 -12.67 6.76 23.40
CA ASN A 296 -13.48 7.96 23.24
C ASN A 296 -13.20 8.67 21.93
N ILE A 297 -14.25 8.88 21.15
CA ILE A 297 -14.12 9.54 19.86
C ILE A 297 -13.54 10.93 19.97
N ASN A 298 -12.43 11.18 19.29
CA ASN A 298 -11.78 12.49 19.29
C ASN A 298 -12.55 13.38 18.30
N PRO A 299 -13.43 14.26 18.82
CA PRO A 299 -14.27 15.17 18.05
C PRO A 299 -13.57 16.06 17.01
N ILE A 300 -12.30 16.37 17.23
CA ILE A 300 -11.57 17.21 16.30
C ILE A 300 -11.26 16.48 14.98
N LEU A 301 -11.16 15.15 15.02
CA LEU A 301 -10.81 14.37 13.83
C LEU A 301 -12.06 13.84 13.15
N ILE A 302 -12.59 14.62 12.21
CA ILE A 302 -13.83 14.26 11.54
C ILE A 302 -13.72 13.34 10.34
N GLU A 303 -12.49 12.97 9.96
CA GLU A 303 -12.34 12.04 8.84
C GLU A 303 -12.10 10.64 9.37
N TYR A 304 -12.91 9.70 8.92
CA TYR A 304 -12.82 8.30 9.31
C TYR A 304 -11.37 7.78 9.41
N LEU A 305 -10.61 7.86 8.31
CA LEU A 305 -9.23 7.37 8.33
C LEU A 305 -8.34 8.06 9.36
N VAL A 306 -8.58 9.34 9.61
CA VAL A 306 -7.79 10.09 10.57
C VAL A 306 -8.17 9.62 11.98
N GLN A 307 -9.48 9.52 12.24
CA GLN A 307 -10.00 9.06 13.52
C GLN A 307 -9.49 7.63 13.80
N ALA A 308 -9.44 6.83 12.75
CA ALA A 308 -9.01 5.45 12.84
C ALA A 308 -7.52 5.35 13.19
N ALA A 309 -6.72 6.21 12.60
CA ALA A 309 -5.29 6.21 12.88
C ALA A 309 -5.02 6.67 14.30
N TYR A 310 -5.86 7.58 14.79
CA TYR A 310 -5.68 8.12 16.13
C TYR A 310 -5.99 7.05 17.15
N GLN A 311 -7.13 6.39 16.97
CA GLN A 311 -7.55 5.36 17.89
C GLN A 311 -6.59 4.18 17.93
N HIS A 312 -5.99 3.86 16.79
CA HIS A 312 -5.06 2.73 16.68
C HIS A 312 -3.69 2.99 17.26
N VAL A 313 -3.20 4.20 17.05
CA VAL A 313 -1.86 4.53 17.51
C VAL A 313 -1.82 5.37 18.77
N VAL A 314 -2.60 6.44 18.81
CA VAL A 314 -2.61 7.28 20.00
C VAL A 314 -3.46 6.69 21.11
N GLY A 315 -4.53 6.01 20.72
CA GLY A 315 -5.47 5.43 21.67
C GLY A 315 -4.91 4.63 22.83
N TYR A 316 -4.04 3.68 22.52
CA TYR A 316 -3.46 2.83 23.56
C TYR A 316 -2.69 3.56 24.65
N PRO A 317 -1.66 4.35 24.29
CA PRO A 317 -0.92 5.05 25.33
C PRO A 317 -1.81 6.03 26.09
N GLU A 318 -2.88 6.48 25.44
CA GLU A 318 -3.77 7.43 26.07
C GLU A 318 -4.71 6.77 27.07
N LEU A 319 -5.35 5.69 26.67
CA LEU A 319 -6.27 4.97 27.55
C LEU A 319 -5.56 4.20 28.66
N MET A 320 -4.24 4.10 28.55
CA MET A 320 -3.46 3.36 29.53
C MET A 320 -2.57 4.28 30.36
N GLY A 321 -2.89 5.57 30.35
CA GLY A 321 -2.11 6.54 31.11
C GLY A 321 -0.63 6.56 30.81
N MET A 322 -0.28 6.47 29.53
CA MET A 322 1.13 6.45 29.16
C MET A 322 1.54 7.61 28.25
N MET A 323 0.62 8.55 28.06
CA MET A 323 0.88 9.72 27.22
C MET A 323 2.18 10.42 27.56
N ASP A 324 2.45 10.61 28.84
CA ASP A 324 3.68 11.30 29.24
C ASP A 324 4.85 10.35 29.31
N ASP A 325 4.58 9.07 29.08
CA ASP A 325 5.61 8.04 29.15
C ASP A 325 6.16 7.52 27.82
N ILE A 326 5.36 7.61 26.75
CA ILE A 326 5.76 7.15 25.41
C ILE A 326 5.79 8.32 24.42
N PRO A 327 6.99 8.74 24.00
CA PRO A 327 7.26 9.85 23.06
C PRO A 327 6.82 9.60 21.63
N LEU A 328 5.51 9.69 21.43
CA LEU A 328 4.92 9.44 20.12
C LEU A 328 5.56 10.24 18.98
N THR A 329 5.59 11.56 19.14
CA THR A 329 6.16 12.44 18.12
C THR A 329 7.60 12.07 17.80
N ASP A 330 8.34 11.60 18.79
CA ASP A 330 9.72 11.22 18.54
C ASP A 330 9.80 9.90 17.79
N ILE A 331 8.83 9.02 18.03
CA ILE A 331 8.84 7.73 17.36
C ILE A 331 8.27 7.79 15.94
N PHE A 332 7.09 8.40 15.80
CA PHE A 332 6.45 8.46 14.49
C PHE A 332 6.77 9.70 13.69
N GLU A 333 7.31 10.71 14.34
CA GLU A 333 7.63 11.93 13.63
C GLU A 333 6.41 12.41 12.86
N ASP A 334 6.61 12.64 11.57
CA ASP A 334 5.54 13.14 10.75
C ASP A 334 4.53 12.11 10.39
N ALA A 335 4.71 10.89 10.89
CA ALA A 335 3.73 9.87 10.61
C ALA A 335 2.46 10.23 11.35
N ILE A 336 2.64 10.95 12.45
CA ILE A 336 1.53 11.40 13.27
C ILE A 336 1.07 12.76 12.79
N ALA A 337 1.43 13.10 11.56
CA ALA A 337 1.05 14.36 10.93
C ALA A 337 0.25 15.28 11.85
N GLY A 338 -1.07 15.27 11.71
CA GLY A 338 -1.90 16.13 12.53
C GLY A 338 -2.76 15.41 13.53
N LEU A 339 -2.57 14.11 13.66
CA LEU A 339 -3.35 13.33 14.61
C LEU A 339 -3.36 14.03 15.98
N LEU A 340 -2.19 14.36 16.48
CA LEU A 340 -2.04 15.01 17.77
C LEU A 340 -2.54 16.45 17.69
N TYR B 3 9.69 15.78 -32.89
CA TYR B 3 9.11 14.82 -31.89
C TYR B 3 7.76 14.32 -32.35
N THR B 4 7.55 13.01 -32.27
CA THR B 4 6.27 12.44 -32.66
C THR B 4 5.19 12.76 -31.59
N LYS B 5 3.93 12.51 -31.91
CA LYS B 5 2.83 12.76 -30.98
C LYS B 5 3.00 11.89 -29.74
N GLU B 6 3.41 10.64 -29.95
CA GLU B 6 3.60 9.72 -28.84
C GLU B 6 4.68 10.21 -27.88
N GLN B 7 5.83 10.65 -28.42
CA GLN B 7 6.92 11.16 -27.58
C GLN B 7 6.44 12.38 -26.83
N LEU B 8 5.68 13.22 -27.52
CA LEU B 8 5.13 14.42 -26.88
C LEU B 8 4.17 14.03 -25.72
N MET B 9 3.24 13.11 -25.99
CA MET B 9 2.35 12.70 -24.93
C MET B 9 3.15 12.07 -23.79
N LEU B 10 4.27 11.40 -24.10
CA LEU B 10 5.10 10.81 -23.03
C LEU B 10 5.60 11.92 -22.09
N ALA B 11 6.08 13.01 -22.67
CA ALA B 11 6.59 14.11 -21.86
C ALA B 11 5.49 14.70 -20.98
N PHE B 12 4.29 14.85 -21.53
CA PHE B 12 3.18 15.40 -20.74
C PHE B 12 2.82 14.45 -19.59
N SER B 13 2.82 13.16 -19.91
CA SER B 13 2.52 12.13 -18.92
C SER B 13 3.58 12.12 -17.84
N TYR B 14 4.85 12.32 -18.22
CA TYR B 14 5.90 12.33 -17.20
C TYR B 14 5.98 13.63 -16.42
N MET B 15 5.56 14.74 -17.03
CA MET B 15 5.59 16.02 -16.31
C MET B 15 4.54 16.00 -15.19
N SER B 16 3.61 15.06 -15.31
CA SER B 16 2.55 14.90 -14.30
C SER B 16 3.18 14.51 -12.96
N TYR B 17 4.35 13.87 -13.00
CA TYR B 17 4.96 13.40 -11.76
C TYR B 17 5.71 14.40 -10.90
N TYR B 18 5.79 15.66 -11.34
CA TYR B 18 6.49 16.65 -10.50
C TYR B 18 5.78 16.69 -9.16
N GLY B 19 6.56 16.61 -8.09
CA GLY B 19 6.00 16.62 -6.75
C GLY B 19 5.55 15.23 -6.29
N ILE B 20 5.72 14.20 -7.13
CA ILE B 20 5.27 12.86 -6.78
C ILE B 20 5.89 12.30 -5.51
N THR B 21 7.09 12.78 -5.13
CA THR B 21 7.73 12.27 -3.93
C THR B 21 7.30 12.91 -2.62
N HIS B 22 6.54 14.02 -2.69
CA HIS B 22 6.07 14.66 -1.47
C HIS B 22 5.04 13.77 -0.75
N THR B 23 4.92 13.98 0.55
CA THR B 23 3.97 13.23 1.36
C THR B 23 3.32 14.19 2.34
N GLY B 24 2.41 13.67 3.15
CA GLY B 24 1.74 14.51 4.11
C GLY B 24 0.88 15.59 3.47
N SER B 25 1.12 16.84 3.85
CA SER B 25 0.35 17.95 3.30
C SER B 25 0.90 18.38 1.97
N ALA B 26 2.21 18.20 1.80
CA ALA B 26 2.88 18.61 0.57
C ALA B 26 2.16 18.12 -0.68
N LYS B 27 1.51 16.98 -0.58
CA LYS B 27 0.80 16.39 -1.72
C LYS B 27 -0.33 17.26 -2.26
N LYS B 28 -0.84 18.17 -1.44
CA LYS B 28 -1.93 19.05 -1.86
C LYS B 28 -1.44 20.35 -2.48
N ASN B 29 -0.13 20.60 -2.44
CA ASN B 29 0.35 21.86 -2.98
C ASN B 29 0.31 21.90 -4.50
N ALA B 30 -0.80 22.39 -5.02
CA ALA B 30 -1.00 22.47 -6.46
C ALA B 30 -0.11 23.54 -7.05
N GLU B 31 0.07 24.62 -6.31
CA GLU B 31 0.88 25.73 -6.77
C GLU B 31 2.34 25.36 -7.05
N LEU B 32 2.93 24.54 -6.19
CA LEU B 32 4.31 24.13 -6.41
C LEU B 32 4.41 23.33 -7.70
N ILE B 33 3.46 22.43 -7.92
CA ILE B 33 3.46 21.58 -9.10
C ILE B 33 3.33 22.44 -10.34
N LEU B 34 2.39 23.36 -10.34
CA LEU B 34 2.20 24.27 -11.46
C LEU B 34 3.49 25.06 -11.76
N LYS B 35 4.13 25.56 -10.71
CA LYS B 35 5.37 26.32 -10.87
C LYS B 35 6.38 25.47 -11.63
N LYS B 36 6.58 24.24 -11.17
CA LYS B 36 7.51 23.34 -11.83
C LYS B 36 7.07 23.07 -13.27
N MET B 37 5.76 23.06 -13.52
CA MET B 37 5.27 22.79 -14.86
C MET B 37 5.58 23.93 -15.82
N LYS B 38 5.37 25.16 -15.37
CA LYS B 38 5.66 26.30 -16.24
C LYS B 38 7.13 26.30 -16.63
N GLU B 39 8.00 25.96 -15.68
CA GLU B 39 9.44 25.89 -15.93
C GLU B 39 9.78 24.86 -17.01
N ALA B 40 9.17 23.68 -16.91
CA ALA B 40 9.41 22.61 -17.85
C ALA B 40 8.98 22.96 -19.27
N LEU B 41 7.92 23.76 -19.38
CA LEU B 41 7.41 24.17 -20.69
C LEU B 41 8.41 25.11 -21.36
N LYS B 42 9.24 25.76 -20.54
CA LYS B 42 10.24 26.68 -21.06
C LYS B 42 11.57 25.97 -21.26
N THR B 43 11.71 24.78 -20.68
CA THR B 43 12.97 24.05 -20.79
C THR B 43 12.96 22.80 -21.65
N TRP B 44 12.14 21.84 -21.25
CA TRP B 44 12.06 20.57 -21.95
C TRP B 44 12.06 20.69 -23.46
N LYS B 45 13.07 20.10 -24.08
CA LYS B 45 13.22 20.12 -25.52
C LYS B 45 11.93 19.81 -26.28
N PRO B 46 11.24 18.71 -25.91
CA PRO B 46 9.99 18.36 -26.60
C PRO B 46 8.88 19.41 -26.56
N PHE B 47 8.88 20.26 -25.54
CA PHE B 47 7.85 21.29 -25.44
C PHE B 47 8.18 22.60 -26.16
N GLN B 48 9.43 22.76 -26.60
CA GLN B 48 9.81 23.99 -27.26
C GLN B 48 9.57 24.09 -28.76
N GLU B 49 8.84 23.13 -29.32
CA GLU B 49 8.52 23.14 -30.76
C GLU B 49 7.19 23.86 -31.01
N ASP B 50 6.52 24.20 -29.92
CA ASP B 50 5.25 24.93 -29.97
C ASP B 50 5.12 25.69 -28.65
N ASP B 51 4.06 26.46 -28.51
CA ASP B 51 3.85 27.22 -27.28
C ASP B 51 2.69 26.62 -26.49
N TRP B 52 2.99 26.09 -25.31
CA TRP B 52 2.00 25.45 -24.46
C TRP B 52 1.74 26.21 -23.17
N GLU B 53 0.50 26.11 -22.71
CA GLU B 53 0.05 26.78 -21.50
C GLU B 53 -0.93 25.88 -20.75
N VAL B 54 -0.72 25.74 -19.45
CA VAL B 54 -1.60 24.93 -18.64
C VAL B 54 -2.87 25.78 -18.48
N VAL B 55 -4.00 25.27 -18.93
CA VAL B 55 -5.26 26.00 -18.84
C VAL B 55 -6.25 25.52 -17.78
N TRP B 56 -6.02 24.32 -17.24
CA TRP B 56 -6.88 23.75 -16.18
C TRP B 56 -5.97 22.93 -15.26
N GLY B 57 -6.12 23.12 -13.96
CA GLY B 57 -5.28 22.39 -13.03
C GLY B 57 -3.86 22.96 -13.02
N PRO B 58 -2.88 22.24 -12.43
CA PRO B 58 -3.07 20.92 -11.83
C PRO B 58 -4.07 20.85 -10.67
N ALA B 59 -4.90 19.82 -10.66
CA ALA B 59 -5.88 19.59 -9.58
C ALA B 59 -5.52 18.21 -9.02
N VAL B 60 -5.39 18.14 -7.71
CA VAL B 60 -4.98 16.93 -7.03
C VAL B 60 -6.02 16.38 -6.08
N TYR B 61 -6.15 15.06 -6.08
CA TYR B 61 -7.04 14.36 -5.17
C TYR B 61 -6.09 13.53 -4.30
N THR B 62 -6.26 13.62 -2.99
CA THR B 62 -5.45 12.85 -2.03
C THR B 62 -6.19 12.75 -0.69
N MET B 63 -6.17 11.58 -0.07
CA MET B 63 -6.82 11.37 1.22
C MET B 63 -5.72 11.01 2.20
N PRO B 64 -5.73 11.59 3.40
CA PRO B 64 -4.70 11.27 4.39
C PRO B 64 -4.69 9.78 4.77
N PHE B 65 -3.50 9.27 5.03
CA PHE B 65 -3.28 7.89 5.45
C PHE B 65 -3.59 6.78 4.45
N THR B 66 -3.63 7.12 3.17
CA THR B 66 -3.86 6.14 2.12
C THR B 66 -3.25 6.63 0.80
N ILE B 67 -2.73 5.72 0.00
CA ILE B 67 -2.11 6.08 -1.29
C ILE B 67 -2.97 5.63 -2.48
N PHE B 68 -4.00 4.83 -2.22
CA PHE B 68 -4.82 4.31 -3.31
C PHE B 68 -5.69 5.29 -4.09
N ASN B 69 -5.93 6.48 -3.53
CA ASN B 69 -6.75 7.45 -4.23
C ASN B 69 -5.96 8.60 -4.82
N ASP B 70 -4.65 8.64 -4.63
CA ASP B 70 -3.86 9.75 -5.16
C ASP B 70 -4.04 9.87 -6.65
N ALA B 71 -4.31 11.08 -7.13
CA ALA B 71 -4.46 11.31 -8.56
C ALA B 71 -4.29 12.78 -8.85
N MET B 72 -3.93 13.10 -10.08
CA MET B 72 -3.74 14.49 -10.49
C MET B 72 -4.03 14.60 -11.97
N MET B 73 -4.77 15.63 -12.35
CA MET B 73 -5.10 15.85 -13.75
C MET B 73 -4.85 17.31 -14.12
N TYR B 74 -4.48 17.56 -15.37
CA TYR B 74 -4.28 18.92 -15.86
C TYR B 74 -4.45 18.94 -17.37
N VAL B 75 -4.75 20.11 -17.90
CA VAL B 75 -4.97 20.26 -19.34
C VAL B 75 -4.00 21.31 -19.89
N ILE B 76 -3.34 20.98 -20.99
CA ILE B 76 -2.43 21.94 -21.60
C ILE B 76 -2.96 22.29 -22.97
N GLN B 77 -2.97 23.58 -23.29
CA GLN B 77 -3.46 24.04 -24.58
C GLN B 77 -2.31 24.54 -25.46
N LYS B 78 -2.27 24.07 -26.70
CA LYS B 78 -1.22 24.51 -27.60
C LYS B 78 -1.59 25.88 -28.15
N LYS B 79 -0.79 26.89 -27.78
CA LYS B 79 -1.00 28.27 -28.26
C LYS B 79 -0.59 28.34 -29.73
N GLY B 80 -1.40 29.01 -30.53
CA GLY B 80 -1.09 29.14 -31.94
C GLY B 80 -1.85 28.13 -32.76
N ALA B 81 -2.74 27.40 -32.10
CA ALA B 81 -3.55 26.38 -32.76
C ALA B 81 -5.04 26.71 -32.65
N GLU B 82 -5.83 26.05 -33.49
CA GLU B 82 -7.28 26.23 -33.52
C GLU B 82 -7.78 25.93 -32.11
N GLY B 83 -7.86 24.64 -31.81
CA GLY B 83 -8.33 24.19 -30.50
C GLY B 83 -7.73 22.83 -30.21
N GLU B 84 -6.44 22.83 -29.86
CA GLU B 84 -5.72 21.60 -29.54
C GLU B 84 -5.48 21.56 -28.05
N TYR B 85 -5.95 20.48 -27.43
CA TYR B 85 -5.79 20.31 -26.00
C TYR B 85 -5.24 18.93 -25.67
N VAL B 86 -4.53 18.84 -24.56
CA VAL B 86 -4.02 17.56 -24.10
C VAL B 86 -4.44 17.45 -22.63
N ILE B 87 -5.13 16.37 -22.27
CA ILE B 87 -5.51 16.12 -20.89
C ILE B 87 -4.51 15.06 -20.37
N ALA B 88 -3.77 15.41 -19.32
CA ALA B 88 -2.78 14.47 -18.78
C ALA B 88 -3.19 14.05 -17.36
N ILE B 89 -3.06 12.76 -17.08
CA ILE B 89 -3.47 12.20 -15.79
C ILE B 89 -2.43 11.26 -15.19
N ARG B 90 -2.29 11.29 -13.88
CA ARG B 90 -1.39 10.38 -13.16
C ARG B 90 -2.17 9.86 -11.95
N GLY B 91 -1.74 8.71 -11.42
CA GLY B 91 -2.34 8.12 -10.24
C GLY B 91 -1.30 8.34 -9.15
N THR B 92 -1.08 7.33 -8.29
CA THR B 92 -0.10 7.36 -7.19
C THR B 92 1.33 7.14 -7.71
N ASN B 93 2.31 7.38 -6.83
CA ASN B 93 3.71 7.21 -7.14
C ASN B 93 3.85 5.83 -7.77
N PRO B 94 4.27 5.78 -9.04
CA PRO B 94 4.39 4.49 -9.73
C PRO B 94 5.49 3.51 -9.36
N VAL B 95 6.55 3.95 -8.66
CA VAL B 95 7.65 3.03 -8.35
C VAL B 95 7.32 1.87 -7.45
N SER B 96 6.45 2.09 -6.46
CA SER B 96 6.16 1.01 -5.52
C SER B 96 5.05 0.07 -6.03
N ILE B 97 5.30 -0.56 -7.17
CA ILE B 97 4.33 -1.46 -7.79
C ILE B 97 3.71 -2.52 -6.87
N SER B 98 4.53 -3.22 -6.07
CA SER B 98 3.99 -4.25 -5.19
C SER B 98 2.88 -3.69 -4.30
N ASP B 99 3.04 -2.45 -3.85
CA ASP B 99 2.05 -1.80 -3.00
C ASP B 99 0.83 -1.26 -3.73
N TRP B 100 1.00 -0.29 -4.62
CA TRP B 100 -0.16 0.29 -5.28
C TRP B 100 -0.86 -0.60 -6.27
N LEU B 101 -0.14 -1.55 -6.88
CA LEU B 101 -0.76 -2.45 -7.85
C LEU B 101 -1.07 -3.84 -7.31
N PHE B 102 -0.07 -4.57 -6.81
CA PHE B 102 -0.29 -5.92 -6.30
C PHE B 102 -1.31 -6.00 -5.18
N ASN B 103 -1.34 -4.97 -4.33
CA ASN B 103 -2.26 -4.94 -3.19
C ASN B 103 -3.54 -4.14 -3.43
N ASP B 104 -3.87 -3.86 -4.69
CA ASP B 104 -5.08 -3.09 -5.02
C ASP B 104 -6.27 -4.03 -4.95
N PHE B 105 -6.86 -4.14 -3.77
CA PHE B 105 -7.97 -5.06 -3.54
C PHE B 105 -9.28 -4.68 -4.26
N MET B 106 -9.41 -3.43 -4.69
CA MET B 106 -10.60 -2.98 -5.39
C MET B 106 -10.78 -3.51 -6.83
N VAL B 107 -9.93 -4.45 -7.24
CA VAL B 107 -10.15 -5.05 -8.55
C VAL B 107 -10.95 -6.33 -8.27
N SER B 108 -11.18 -6.62 -7.00
CA SER B 108 -11.93 -7.82 -6.58
C SER B 108 -13.44 -7.68 -6.78
N ALA B 109 -13.91 -6.44 -6.96
CA ALA B 109 -15.32 -6.14 -7.20
C ALA B 109 -15.33 -5.21 -8.42
N MET B 110 -16.38 -5.32 -9.24
CA MET B 110 -16.44 -4.52 -10.44
C MET B 110 -17.74 -3.75 -10.56
N LYS B 111 -17.76 -2.78 -11.47
CA LYS B 111 -18.97 -1.99 -11.71
C LYS B 111 -19.33 -1.92 -13.19
N LYS B 112 -20.63 -1.89 -13.45
CA LYS B 112 -21.12 -1.83 -14.82
C LYS B 112 -20.78 -0.47 -15.40
N TRP B 113 -20.29 -0.46 -16.63
CA TRP B 113 -19.94 0.79 -17.32
C TRP B 113 -21.25 1.56 -17.47
N PRO B 114 -21.34 2.74 -16.86
CA PRO B 114 -22.58 3.53 -16.95
C PRO B 114 -22.83 4.41 -18.17
N TYR B 115 -21.89 4.48 -19.10
CA TYR B 115 -22.07 5.36 -20.24
C TYR B 115 -22.40 4.74 -21.59
N ALA B 116 -22.60 3.44 -21.61
CA ALA B 116 -22.93 2.75 -22.84
C ALA B 116 -23.23 1.29 -22.55
N SER B 117 -24.11 0.69 -23.33
CA SER B 117 -24.49 -0.71 -23.20
C SER B 117 -24.34 -1.34 -24.58
N VAL B 118 -24.18 -2.67 -24.62
CA VAL B 118 -24.04 -3.43 -25.86
C VAL B 118 -24.94 -4.66 -25.65
N GLU B 119 -25.83 -4.92 -26.61
CA GLU B 119 -26.78 -6.03 -26.50
C GLU B 119 -26.07 -7.37 -26.28
N GLY B 120 -26.50 -8.11 -25.27
CA GLY B 120 -25.88 -9.39 -24.99
C GLY B 120 -24.50 -9.33 -24.35
N ARG B 121 -24.05 -8.12 -24.00
CA ARG B 121 -22.75 -7.95 -23.37
C ARG B 121 -22.89 -7.33 -21.98
N ILE B 122 -21.86 -7.51 -21.16
CA ILE B 122 -21.88 -6.94 -19.83
C ILE B 122 -20.55 -6.25 -19.57
N LEU B 123 -20.55 -4.95 -19.82
CA LEU B 123 -19.35 -4.15 -19.67
C LEU B 123 -19.10 -3.76 -18.23
N LYS B 124 -17.89 -4.02 -17.75
CA LYS B 124 -17.55 -3.69 -16.38
C LYS B 124 -16.11 -3.24 -16.24
N ILE B 125 -15.89 -2.35 -15.28
CA ILE B 125 -14.56 -1.87 -14.98
C ILE B 125 -14.36 -2.17 -13.50
N SER B 126 -13.11 -2.27 -13.05
CA SER B 126 -12.85 -2.51 -11.63
C SER B 126 -13.41 -1.34 -10.81
N GLU B 127 -13.75 -1.60 -9.55
CA GLU B 127 -14.22 -0.52 -8.68
C GLU B 127 -13.02 0.44 -8.55
N SER B 128 -11.81 -0.11 -8.60
CA SER B 128 -10.60 0.71 -8.49
C SER B 128 -10.62 1.81 -9.56
N THR B 129 -10.85 1.44 -10.82
CA THR B 129 -10.86 2.46 -11.85
C THR B 129 -12.16 3.26 -11.83
N SER B 130 -13.27 2.64 -11.43
CA SER B 130 -14.54 3.36 -11.36
C SER B 130 -14.39 4.50 -10.35
N TYR B 131 -13.91 4.20 -9.15
CA TYR B 131 -13.77 5.28 -8.19
C TYR B 131 -12.76 6.32 -8.64
N GLY B 132 -11.68 5.86 -9.29
CA GLY B 132 -10.69 6.79 -9.79
C GLY B 132 -11.28 7.75 -10.83
N LEU B 133 -12.07 7.22 -11.76
CA LEU B 133 -12.69 8.07 -12.77
C LEU B 133 -13.60 9.12 -12.11
N LYS B 134 -14.39 8.69 -11.12
CA LYS B 134 -15.30 9.60 -10.43
C LYS B 134 -14.56 10.73 -9.77
N THR B 135 -13.40 10.43 -9.17
CA THR B 135 -12.64 11.48 -8.54
C THR B 135 -12.21 12.49 -9.61
N LEU B 136 -11.82 12.01 -10.79
CA LEU B 136 -11.39 12.89 -11.87
C LEU B 136 -12.52 13.73 -12.42
N GLN B 137 -13.71 13.15 -12.50
CA GLN B 137 -14.89 13.85 -13.01
C GLN B 137 -15.35 14.97 -12.05
N LYS B 138 -15.03 14.83 -10.76
CA LYS B 138 -15.45 15.80 -9.76
C LYS B 138 -14.38 16.80 -9.37
N LEU B 139 -13.13 16.52 -9.71
CA LEU B 139 -12.03 17.41 -9.38
C LEU B 139 -12.27 18.82 -9.90
N LYS B 140 -11.80 19.79 -9.12
CA LYS B 140 -11.90 21.21 -9.48
C LYS B 140 -10.61 21.88 -9.02
N PRO B 141 -9.98 22.68 -9.90
CA PRO B 141 -8.72 23.34 -9.52
C PRO B 141 -8.93 24.29 -8.35
N LYS B 142 -7.89 24.46 -7.53
CA LYS B 142 -7.93 25.33 -6.35
C LYS B 142 -7.83 26.78 -6.77
N SER B 143 -8.03 27.67 -5.81
CA SER B 143 -7.91 29.08 -6.08
C SER B 143 -6.50 29.39 -6.55
N HIS B 144 -6.41 30.28 -7.55
CA HIS B 144 -5.13 30.71 -8.11
C HIS B 144 -4.54 29.74 -9.12
N ILE B 145 -5.21 28.60 -9.32
CA ILE B 145 -4.76 27.61 -10.30
C ILE B 145 -5.71 27.79 -11.48
N PRO B 146 -5.20 27.71 -12.71
CA PRO B 146 -6.15 27.89 -13.82
C PRO B 146 -7.32 26.91 -13.76
N GLY B 147 -8.46 27.33 -14.28
CA GLY B 147 -9.65 26.47 -14.29
C GLY B 147 -10.32 26.40 -12.94
N GLU B 148 -9.82 27.23 -12.03
CA GLU B 148 -10.33 27.34 -10.68
C GLU B 148 -11.83 27.11 -10.58
N ASN B 149 -12.21 26.30 -9.60
CA ASN B 149 -13.61 25.98 -9.30
C ASN B 149 -14.44 25.41 -10.46
N LYS B 150 -13.80 24.83 -11.48
CA LYS B 150 -14.58 24.21 -12.56
C LYS B 150 -14.20 22.76 -12.79
N THR B 151 -15.21 21.90 -12.95
CA THR B 151 -14.94 20.50 -13.22
C THR B 151 -14.39 20.44 -14.64
N ILE B 152 -13.78 19.31 -14.98
CA ILE B 152 -13.21 19.11 -16.30
C ILE B 152 -14.22 19.30 -17.43
N LEU B 153 -15.41 18.74 -17.27
CA LEU B 153 -16.41 18.88 -18.30
C LEU B 153 -16.90 20.32 -18.43
N GLN B 154 -17.12 21.00 -17.30
CA GLN B 154 -17.58 22.40 -17.33
C GLN B 154 -16.59 23.25 -18.08
N PHE B 155 -15.31 23.06 -17.77
CA PHE B 155 -14.22 23.80 -18.42
C PHE B 155 -14.18 23.51 -19.92
N LEU B 156 -14.21 22.25 -20.32
CA LEU B 156 -14.18 21.93 -21.74
C LEU B 156 -15.40 22.58 -22.44
N ASN B 157 -16.57 22.48 -21.83
CA ASN B 157 -17.74 23.04 -22.45
C ASN B 157 -17.66 24.57 -22.59
N GLU B 158 -17.25 25.25 -21.53
CA GLU B 158 -17.15 26.70 -21.58
C GLU B 158 -16.13 27.11 -22.61
N LYS B 159 -15.02 26.39 -22.60
CA LYS B 159 -13.90 26.63 -23.48
C LYS B 159 -14.19 26.36 -24.96
N ILE B 160 -14.72 25.17 -25.27
CA ILE B 160 -14.99 24.79 -26.65
C ILE B 160 -16.38 25.09 -27.19
N GLY B 161 -17.38 25.15 -26.33
CA GLY B 161 -18.73 25.43 -26.80
C GLY B 161 -19.52 24.16 -27.07
N PRO B 162 -20.86 24.24 -27.04
CA PRO B 162 -21.71 23.06 -27.28
C PRO B 162 -21.51 22.37 -28.61
N GLU B 163 -21.11 23.13 -29.62
CA GLU B 163 -20.89 22.54 -30.93
C GLU B 163 -19.47 22.84 -31.42
N GLY B 164 -18.70 23.55 -30.62
CA GLY B 164 -17.33 23.88 -31.01
C GLY B 164 -16.48 22.73 -31.51
N LYS B 165 -15.50 23.05 -32.35
CA LYS B 165 -14.59 22.05 -32.90
C LYS B 165 -13.25 22.12 -32.19
N ALA B 166 -12.67 20.95 -31.91
CA ALA B 166 -11.38 20.91 -31.25
C ALA B 166 -10.85 19.50 -31.29
N LYS B 167 -9.60 19.36 -30.88
CA LYS B 167 -8.94 18.07 -30.83
C LYS B 167 -8.43 17.90 -29.41
N ILE B 168 -8.66 16.72 -28.84
CA ILE B 168 -8.18 16.48 -27.50
C ILE B 168 -7.50 15.12 -27.42
N CYS B 169 -6.30 15.08 -26.88
CA CYS B 169 -5.63 13.81 -26.69
C CYS B 169 -5.55 13.61 -25.16
N VAL B 170 -6.02 12.46 -24.70
CA VAL B 170 -6.01 12.16 -23.28
C VAL B 170 -4.85 11.19 -23.07
N THR B 171 -3.87 11.58 -22.26
CA THR B 171 -2.71 10.74 -22.01
C THR B 171 -2.41 10.55 -20.51
N GLY B 172 -1.58 9.56 -20.20
CA GLY B 172 -1.24 9.29 -18.82
C GLY B 172 -0.40 8.03 -18.71
N HIS B 173 0.36 7.93 -17.63
CA HIS B 173 1.23 6.81 -17.38
C HIS B 173 0.86 6.01 -16.13
N SER B 174 1.09 4.70 -16.17
CA SER B 174 0.82 3.82 -15.03
C SER B 174 -0.68 3.72 -14.73
N LYS B 175 -1.06 3.95 -13.47
CA LYS B 175 -2.47 3.92 -13.12
C LYS B 175 -3.12 4.98 -14.01
N GLY B 176 -2.37 6.04 -14.27
CA GLY B 176 -2.84 7.12 -15.11
C GLY B 176 -3.09 6.64 -16.53
N GLY B 177 -2.48 5.51 -16.89
CA GLY B 177 -2.67 4.94 -18.22
C GLY B 177 -4.07 4.38 -18.35
N ALA B 178 -4.49 3.67 -17.31
CA ALA B 178 -5.84 3.10 -17.24
C ALA B 178 -6.88 4.22 -17.06
N LEU B 179 -6.56 5.20 -16.22
CA LEU B 179 -7.49 6.28 -15.99
C LEU B 179 -7.70 7.18 -17.20
N SER B 180 -6.61 7.53 -17.87
CA SER B 180 -6.65 8.42 -19.04
C SER B 180 -7.51 7.84 -20.16
N SER B 181 -7.24 6.59 -20.52
CA SER B 181 -7.97 5.89 -21.58
C SER B 181 -9.43 5.70 -21.18
N THR B 182 -9.69 5.47 -19.89
CA THR B 182 -11.07 5.28 -19.46
C THR B 182 -11.83 6.59 -19.48
N LEU B 183 -11.18 7.68 -19.03
CA LEU B 183 -11.81 9.00 -19.04
C LEU B 183 -12.09 9.45 -20.48
N ALA B 184 -11.19 9.11 -21.41
CA ALA B 184 -11.34 9.44 -22.82
C ALA B 184 -12.58 8.79 -23.39
N LEU B 185 -12.85 7.55 -22.98
CA LEU B 185 -14.02 6.81 -23.42
C LEU B 185 -15.30 7.46 -22.89
N TRP B 186 -15.26 7.85 -21.63
CA TRP B 186 -16.40 8.51 -21.01
C TRP B 186 -16.74 9.79 -21.80
N LEU B 187 -15.71 10.55 -22.16
CA LEU B 187 -15.91 11.78 -22.91
C LEU B 187 -16.54 11.48 -24.27
N LYS B 188 -16.07 10.42 -24.93
CA LYS B 188 -16.61 10.09 -26.23
C LYS B 188 -18.06 9.62 -26.10
N ASP B 189 -18.36 8.84 -25.06
CA ASP B 189 -19.71 8.35 -24.88
C ASP B 189 -20.71 9.47 -24.58
N ILE B 190 -20.26 10.60 -24.04
CA ILE B 190 -21.22 11.66 -23.78
C ILE B 190 -21.22 12.73 -24.88
N GLN B 191 -20.39 12.57 -25.89
CA GLN B 191 -20.37 13.54 -26.98
C GLN B 191 -21.76 13.60 -27.62
N GLY B 192 -22.26 14.80 -27.90
CA GLY B 192 -23.57 14.91 -28.50
C GLY B 192 -24.66 15.04 -27.46
N VAL B 193 -24.30 14.82 -26.20
CA VAL B 193 -25.25 14.93 -25.12
C VAL B 193 -24.80 15.95 -24.10
N LYS B 194 -23.52 15.93 -23.75
CA LYS B 194 -22.98 16.85 -22.76
C LYS B 194 -21.65 17.45 -23.16
N LEU B 195 -21.24 17.22 -24.41
CA LEU B 195 -19.97 17.71 -24.90
C LEU B 195 -20.09 17.76 -26.41
N SER B 196 -19.47 18.76 -27.00
CA SER B 196 -19.53 18.93 -28.44
C SER B 196 -19.16 17.71 -29.23
N GLN B 197 -19.97 17.42 -30.24
CA GLN B 197 -19.77 16.30 -31.15
C GLN B 197 -18.65 16.63 -32.15
N ASN B 198 -18.22 17.89 -32.20
CA ASN B 198 -17.18 18.28 -33.16
C ASN B 198 -15.77 18.23 -32.61
N ILE B 199 -15.62 17.55 -31.48
CA ILE B 199 -14.31 17.41 -30.85
C ILE B 199 -13.73 16.06 -31.27
N ASP B 200 -12.45 16.04 -31.64
CA ASP B 200 -11.78 14.81 -32.01
C ASP B 200 -11.01 14.34 -30.80
N ILE B 201 -11.48 13.22 -30.26
CA ILE B 201 -10.90 12.64 -29.07
C ILE B 201 -9.95 11.49 -29.39
N SER B 202 -8.75 11.55 -28.84
CA SER B 202 -7.79 10.48 -29.04
C SER B 202 -7.18 10.22 -27.68
N THR B 203 -6.40 9.15 -27.57
CA THR B 203 -5.77 8.84 -26.29
C THR B 203 -4.54 7.98 -26.48
N ILE B 204 -3.49 8.33 -25.75
CA ILE B 204 -2.25 7.58 -25.78
C ILE B 204 -1.83 7.23 -24.35
N PRO B 205 -2.35 6.12 -23.81
CA PRO B 205 -2.04 5.66 -22.45
C PRO B 205 -0.76 4.82 -22.37
N PHE B 206 0.11 5.15 -21.42
CA PHE B 206 1.37 4.43 -21.22
C PHE B 206 1.36 3.54 -19.98
N ALA B 207 1.93 2.34 -20.11
CA ALA B 207 2.13 1.40 -19.02
C ALA B 207 0.96 1.19 -18.10
N GLY B 208 -0.24 1.12 -18.67
CA GLY B 208 -1.41 0.96 -17.84
C GLY B 208 -1.93 -0.44 -17.67
N PRO B 209 -2.44 -0.77 -16.46
CA PRO B 209 -2.99 -2.09 -16.21
C PRO B 209 -4.42 -2.07 -16.82
N THR B 210 -5.13 -3.21 -16.78
CA THR B 210 -6.49 -3.31 -17.34
C THR B 210 -7.55 -2.59 -16.50
N ALA B 211 -8.33 -1.75 -17.15
CA ALA B 211 -9.37 -1.05 -16.44
C ALA B 211 -10.59 -1.93 -16.20
N GLY B 212 -10.88 -2.82 -17.13
CA GLY B 212 -12.08 -3.66 -17.00
C GLY B 212 -12.02 -4.99 -17.74
N ASN B 213 -13.18 -5.64 -17.85
CA ASN B 213 -13.31 -6.94 -18.48
C ASN B 213 -13.32 -6.88 -20.00
N ALA B 214 -13.36 -8.07 -20.61
CA ALA B 214 -13.34 -8.23 -22.06
C ALA B 214 -14.44 -7.47 -22.80
N ASP B 215 -15.67 -7.51 -22.30
CA ASP B 215 -16.76 -6.77 -22.96
C ASP B 215 -16.43 -5.27 -22.92
N PHE B 216 -15.95 -4.78 -21.79
CA PHE B 216 -15.62 -3.38 -21.73
C PHE B 216 -14.54 -3.06 -22.74
N ALA B 217 -13.47 -3.84 -22.73
CA ALA B 217 -12.33 -3.62 -23.62
C ALA B 217 -12.67 -3.70 -25.11
N ASP B 218 -13.62 -4.56 -25.45
CA ASP B 218 -14.02 -4.71 -26.84
C ASP B 218 -14.85 -3.51 -27.29
N TYR B 219 -15.71 -3.02 -26.40
CA TYR B 219 -16.50 -1.85 -26.73
C TYR B 219 -15.53 -0.68 -26.87
N PHE B 220 -14.53 -0.59 -25.99
CA PHE B 220 -13.55 0.49 -26.07
C PHE B 220 -12.88 0.46 -27.42
N ASP B 221 -12.50 -0.73 -27.86
CA ASP B 221 -11.81 -0.86 -29.12
C ASP B 221 -12.69 -0.43 -30.30
N ASP B 222 -13.99 -0.72 -30.21
CA ASP B 222 -14.89 -0.35 -31.30
C ASP B 222 -15.09 1.16 -31.31
N CYS B 223 -15.42 1.71 -30.16
CA CYS B 223 -15.71 3.13 -30.04
C CYS B 223 -14.51 4.04 -30.14
N LEU B 224 -13.39 3.66 -29.54
CA LEU B 224 -12.23 4.53 -29.57
C LEU B 224 -10.92 3.84 -29.98
N GLY B 225 -10.98 2.55 -30.30
CA GLY B 225 -9.78 1.83 -30.68
C GLY B 225 -8.89 2.45 -31.75
N ASP B 226 -9.48 2.93 -32.85
CA ASP B 226 -8.70 3.51 -33.90
C ASP B 226 -8.12 4.88 -33.56
N GLN B 227 -8.46 5.43 -32.39
CA GLN B 227 -7.92 6.72 -31.99
C GLN B 227 -7.11 6.56 -30.71
N CYS B 228 -6.70 5.33 -30.44
CA CYS B 228 -5.90 5.04 -29.27
C CYS B 228 -4.63 4.26 -29.58
N THR B 229 -3.51 4.75 -29.07
CA THR B 229 -2.24 4.08 -29.24
C THR B 229 -1.77 3.72 -27.83
N ARG B 230 -2.00 2.46 -27.42
CA ARG B 230 -1.62 1.97 -26.10
C ARG B 230 -0.15 1.55 -26.18
N ILE B 231 0.69 2.18 -25.39
CA ILE B 231 2.10 1.89 -25.40
C ILE B 231 2.55 1.20 -24.13
N ALA B 232 3.06 -0.03 -24.30
CA ALA B 232 3.52 -0.84 -23.19
C ALA B 232 4.93 -1.36 -23.48
N ASN B 233 5.75 -1.45 -22.44
CA ASN B 233 7.12 -1.99 -22.52
C ASN B 233 6.99 -3.49 -22.24
N SER B 234 7.48 -4.33 -23.12
CA SER B 234 7.41 -5.79 -22.98
C SER B 234 7.86 -6.32 -21.60
N LEU B 235 8.88 -5.69 -21.02
CA LEU B 235 9.38 -6.11 -19.72
C LEU B 235 8.79 -5.32 -18.54
N ASP B 236 7.74 -4.54 -18.79
CA ASP B 236 7.08 -3.78 -17.71
C ASP B 236 5.94 -4.68 -17.21
N ILE B 237 6.02 -5.11 -15.96
CA ILE B 237 4.98 -5.98 -15.42
C ILE B 237 3.60 -5.31 -15.24
N VAL B 238 3.55 -3.99 -15.12
CA VAL B 238 2.25 -3.36 -14.84
C VAL B 238 1.15 -3.67 -15.83
N PRO B 239 1.43 -3.57 -17.14
CA PRO B 239 0.38 -3.87 -18.10
C PRO B 239 -0.07 -5.34 -18.10
N TYR B 240 0.65 -6.20 -17.38
CA TYR B 240 0.28 -7.62 -17.31
C TYR B 240 -0.88 -7.90 -16.36
N ALA B 241 -1.25 -6.91 -15.57
CA ALA B 241 -2.36 -7.02 -14.64
C ALA B 241 -3.54 -6.33 -15.32
N TRP B 242 -4.75 -6.84 -15.20
CA TRP B 242 -5.08 -8.03 -14.44
C TRP B 242 -5.59 -9.23 -15.26
N ASN B 243 -5.24 -9.28 -16.55
CA ASN B 243 -5.67 -10.40 -17.38
C ASN B 243 -5.03 -11.68 -16.77
N THR B 244 -5.85 -12.72 -16.59
CA THR B 244 -5.40 -13.97 -15.97
C THR B 244 -4.18 -14.65 -16.60
N ASN B 245 -4.21 -14.82 -17.93
CA ASN B 245 -3.13 -15.47 -18.64
C ASN B 245 -1.88 -14.63 -18.58
N SER B 246 -2.07 -13.33 -18.67
CA SER B 246 -0.98 -12.38 -18.61
C SER B 246 -0.29 -12.39 -17.22
N LEU B 247 -1.09 -12.43 -16.15
CA LEU B 247 -0.57 -12.47 -14.77
C LEU B 247 0.32 -13.70 -14.49
N LYS B 248 0.05 -14.80 -15.19
CA LYS B 248 0.81 -16.03 -14.99
C LYS B 248 2.22 -15.96 -15.58
N LYS B 249 2.57 -14.82 -16.15
CA LYS B 249 3.89 -14.65 -16.76
C LYS B 249 4.82 -13.80 -15.90
N LEU B 250 4.26 -13.17 -14.88
CA LEU B 250 5.03 -12.30 -14.00
C LEU B 250 6.11 -12.95 -13.15
N LYS B 251 5.89 -14.18 -12.70
CA LYS B 251 6.91 -14.81 -11.85
C LYS B 251 8.26 -15.02 -12.54
N SER B 252 8.25 -15.27 -13.85
CA SER B 252 9.51 -15.51 -14.54
C SER B 252 9.83 -14.50 -15.64
N ILE B 253 9.18 -13.34 -15.61
CA ILE B 253 9.42 -12.34 -16.64
C ILE B 253 10.87 -11.88 -16.70
N TYR B 254 11.59 -11.96 -15.60
CA TYR B 254 12.98 -11.52 -15.65
C TYR B 254 13.96 -12.68 -15.55
N ILE B 255 13.49 -13.87 -15.88
CA ILE B 255 14.33 -15.05 -15.87
C ILE B 255 14.51 -15.52 -17.31
N SER B 256 15.76 -15.56 -17.74
CA SER B 256 16.09 -15.99 -19.10
C SER B 256 17.55 -16.45 -19.19
N GLU B 257 18.11 -16.45 -20.39
CA GLU B 257 19.49 -16.85 -20.65
C GLU B 257 20.43 -16.23 -19.63
N GLN B 258 20.88 -17.05 -18.67
CA GLN B 258 21.78 -16.66 -17.58
C GLN B 258 21.21 -15.54 -16.70
N ALA B 259 20.31 -14.75 -17.28
CA ALA B 259 19.70 -13.65 -16.55
C ALA B 259 18.60 -14.19 -15.64
N SER B 260 18.85 -14.15 -14.32
CA SER B 260 17.88 -14.60 -13.34
C SER B 260 17.59 -13.60 -12.22
N VAL B 261 16.51 -12.85 -12.39
CA VAL B 261 16.02 -11.86 -11.43
C VAL B 261 14.68 -12.46 -11.01
N LYS B 262 14.67 -13.06 -9.83
CA LYS B 262 13.49 -13.77 -9.30
C LYS B 262 12.71 -13.00 -8.23
N PRO B 263 11.36 -13.10 -8.25
CA PRO B 263 10.51 -12.41 -7.26
C PRO B 263 10.69 -13.05 -5.89
N LEU B 264 10.75 -12.21 -4.86
CA LEU B 264 10.92 -12.73 -3.51
C LEU B 264 9.65 -13.37 -3.00
N LEU B 265 9.76 -13.99 -1.84
CA LEU B 265 8.67 -14.69 -1.15
C LEU B 265 7.30 -13.96 -1.15
N TYR B 266 7.27 -12.72 -0.70
CA TYR B 266 6.03 -11.95 -0.67
C TYR B 266 5.46 -11.61 -2.05
N GLN B 267 6.29 -11.19 -2.98
CA GLN B 267 5.78 -10.84 -4.30
C GLN B 267 5.21 -12.08 -5.00
N ARG B 268 5.77 -13.26 -4.74
CA ARG B 268 5.24 -14.48 -5.38
C ARG B 268 3.86 -14.82 -4.80
N ALA B 269 3.71 -14.64 -3.50
CA ALA B 269 2.46 -14.92 -2.84
C ALA B 269 1.44 -13.92 -3.35
N LEU B 270 1.84 -12.66 -3.40
CA LEU B 270 0.92 -11.63 -3.86
C LEU B 270 0.46 -11.91 -5.27
N ILE B 271 1.38 -12.30 -6.13
CA ILE B 271 1.04 -12.60 -7.52
C ILE B 271 0.08 -13.79 -7.60
N ARG B 272 0.27 -14.78 -6.73
CA ARG B 272 -0.61 -15.92 -6.74
C ARG B 272 -2.03 -15.48 -6.38
N ALA B 273 -2.15 -14.65 -5.34
CA ALA B 273 -3.46 -14.17 -4.88
C ALA B 273 -4.15 -13.29 -5.95
N MET B 274 -3.36 -12.46 -6.65
CA MET B 274 -3.92 -11.59 -7.70
C MET B 274 -4.61 -12.50 -8.72
N ILE B 275 -3.90 -13.54 -9.16
CA ILE B 275 -4.42 -14.50 -10.12
C ILE B 275 -5.70 -15.14 -9.57
N ALA B 276 -5.67 -15.59 -8.32
CA ALA B 276 -6.86 -16.21 -7.75
C ALA B 276 -8.07 -15.26 -7.68
N GLU B 277 -7.87 -14.10 -7.07
CA GLU B 277 -8.92 -13.12 -6.87
C GLU B 277 -9.53 -12.53 -8.12
N THR B 278 -8.83 -12.57 -9.24
CA THR B 278 -9.40 -12.01 -10.44
C THR B 278 -9.72 -13.04 -11.49
N LYS B 279 -9.59 -14.32 -11.14
CA LYS B 279 -9.90 -15.36 -12.10
C LYS B 279 -11.41 -15.38 -12.29
N GLY B 280 -11.86 -15.36 -13.53
CA GLY B 280 -13.29 -15.33 -13.76
C GLY B 280 -13.79 -13.91 -13.93
N LYS B 281 -12.98 -12.92 -13.54
CA LYS B 281 -13.36 -11.52 -13.67
C LYS B 281 -13.23 -11.11 -15.14
N LYS B 282 -12.39 -11.82 -15.88
CA LYS B 282 -12.16 -11.57 -17.31
C LYS B 282 -11.52 -10.23 -17.70
N TYR B 283 -10.59 -9.73 -16.88
CA TYR B 283 -9.92 -8.49 -17.21
C TYR B 283 -9.22 -8.70 -18.54
N LYS B 284 -9.16 -7.64 -19.33
CA LYS B 284 -8.54 -7.68 -20.65
C LYS B 284 -8.09 -6.29 -21.04
N GLN B 285 -6.93 -6.22 -21.66
CA GLN B 285 -6.35 -4.95 -22.08
C GLN B 285 -7.16 -4.40 -23.24
N ILE B 286 -7.16 -3.08 -23.40
CA ILE B 286 -7.83 -2.47 -24.54
C ILE B 286 -6.75 -2.60 -25.63
N LYS B 287 -7.13 -2.77 -26.89
CA LYS B 287 -6.14 -2.89 -27.95
C LYS B 287 -5.08 -3.90 -27.48
N ALA B 288 -5.57 -5.03 -26.98
CA ALA B 288 -4.71 -6.08 -26.46
C ALA B 288 -3.74 -6.67 -27.47
N GLU B 289 -4.02 -6.48 -28.75
CA GLU B 289 -3.15 -7.02 -29.80
C GLU B 289 -2.00 -6.13 -30.15
N THR B 290 -1.98 -4.90 -29.65
CA THR B 290 -0.91 -3.98 -29.97
C THR B 290 0.44 -4.54 -29.55
N PRO B 291 1.39 -4.63 -30.49
CA PRO B 291 2.71 -5.14 -30.15
C PRO B 291 3.44 -4.14 -29.24
N PRO B 292 4.00 -4.62 -28.12
CA PRO B 292 4.72 -3.77 -27.17
C PRO B 292 6.10 -3.32 -27.60
N LEU B 293 6.67 -2.38 -26.87
CA LEU B 293 8.02 -1.92 -27.16
C LEU B 293 8.90 -3.04 -26.61
N GLU B 294 9.89 -3.47 -27.40
CA GLU B 294 10.81 -4.53 -27.01
C GLU B 294 11.76 -4.06 -25.92
N GLY B 295 11.49 -4.45 -24.68
CA GLY B 295 12.34 -4.01 -23.60
C GLY B 295 13.61 -4.81 -23.47
N ASN B 296 14.55 -4.29 -22.68
CA ASN B 296 15.82 -4.94 -22.44
C ASN B 296 16.08 -4.98 -20.94
N ILE B 297 16.45 -6.15 -20.43
CA ILE B 297 16.72 -6.28 -19.00
C ILE B 297 17.89 -5.38 -18.61
N ASN B 298 17.81 -4.78 -17.42
CA ASN B 298 18.90 -3.94 -16.94
C ASN B 298 19.72 -4.88 -16.05
N PRO B 299 20.87 -5.34 -16.55
CA PRO B 299 21.74 -6.27 -15.81
C PRO B 299 22.15 -5.88 -14.40
N ILE B 300 22.33 -4.60 -14.13
CA ILE B 300 22.78 -4.22 -12.80
C ILE B 300 21.71 -4.13 -11.71
N LEU B 301 20.45 -4.34 -12.08
CA LEU B 301 19.37 -4.28 -11.09
C LEU B 301 18.97 -5.70 -10.87
N ILE B 302 19.53 -6.29 -9.81
CA ILE B 302 19.29 -7.67 -9.48
C ILE B 302 18.02 -7.98 -8.68
N GLU B 303 17.42 -6.97 -8.05
CA GLU B 303 16.19 -7.20 -7.28
C GLU B 303 14.97 -7.07 -8.20
N TYR B 304 14.07 -8.04 -8.11
CA TYR B 304 12.85 -8.07 -8.92
C TYR B 304 12.06 -6.77 -8.90
N LEU B 305 11.81 -6.23 -7.71
CA LEU B 305 11.05 -4.99 -7.61
C LEU B 305 11.83 -3.76 -8.07
N VAL B 306 13.16 -3.81 -7.98
CA VAL B 306 13.97 -2.68 -8.45
C VAL B 306 13.93 -2.70 -9.97
N GLN B 307 14.16 -3.86 -10.55
CA GLN B 307 14.11 -4.05 -11.99
C GLN B 307 12.71 -3.63 -12.55
N ALA B 308 11.64 -3.97 -11.82
CA ALA B 308 10.28 -3.61 -12.26
C ALA B 308 10.08 -2.11 -12.26
N ALA B 309 10.52 -1.44 -11.19
CA ALA B 309 10.37 0.01 -11.11
C ALA B 309 11.12 0.65 -12.27
N TYR B 310 12.29 0.09 -12.59
CA TYR B 310 13.08 0.61 -13.70
C TYR B 310 12.34 0.42 -15.03
N GLN B 311 11.81 -0.78 -15.28
CA GLN B 311 11.12 -1.02 -16.53
C GLN B 311 9.82 -0.23 -16.63
N HIS B 312 9.22 0.08 -15.48
CA HIS B 312 7.95 0.80 -15.45
C HIS B 312 8.11 2.30 -15.64
N VAL B 313 9.14 2.87 -15.02
CA VAL B 313 9.42 4.29 -15.09
C VAL B 313 10.51 4.67 -16.14
N VAL B 314 11.74 4.15 -15.99
CA VAL B 314 12.80 4.48 -16.93
C VAL B 314 12.61 3.90 -18.36
N GLY B 315 12.06 2.69 -18.41
CA GLY B 315 11.84 2.01 -19.68
C GLY B 315 11.20 2.77 -20.83
N TYR B 316 10.15 3.56 -20.57
CA TYR B 316 9.50 4.26 -21.66
C TYR B 316 10.38 5.32 -22.32
N PRO B 317 10.95 6.26 -21.54
CA PRO B 317 11.79 7.27 -22.18
C PRO B 317 13.03 6.61 -22.80
N GLU B 318 13.41 5.47 -22.25
CA GLU B 318 14.55 4.73 -22.77
C GLU B 318 14.25 4.10 -24.15
N LEU B 319 13.20 3.29 -24.23
CA LEU B 319 12.82 2.63 -25.48
C LEU B 319 12.22 3.57 -26.54
N MET B 320 11.96 4.82 -26.17
CA MET B 320 11.39 5.79 -27.10
C MET B 320 12.33 6.96 -27.40
N GLY B 321 13.62 6.77 -27.09
CA GLY B 321 14.61 7.80 -27.36
C GLY B 321 14.36 9.15 -26.72
N MET B 322 13.85 9.15 -25.50
CA MET B 322 13.57 10.40 -24.80
C MET B 322 14.41 10.53 -23.53
N MET B 323 15.40 9.66 -23.39
CA MET B 323 16.26 9.64 -22.21
C MET B 323 16.91 10.97 -21.85
N ASP B 324 17.29 11.75 -22.87
CA ASP B 324 17.90 13.05 -22.58
C ASP B 324 16.91 14.19 -22.78
N ASP B 325 15.63 13.86 -22.79
CA ASP B 325 14.57 14.86 -22.96
C ASP B 325 13.70 14.97 -21.72
N ILE B 326 13.52 13.85 -21.04
CA ILE B 326 12.70 13.81 -19.84
C ILE B 326 13.62 13.69 -18.64
N PRO B 327 13.68 14.75 -17.82
CA PRO B 327 14.53 14.78 -16.63
C PRO B 327 14.06 13.93 -15.45
N LEU B 328 14.25 12.61 -15.59
CA LEU B 328 13.86 11.63 -14.57
C LEU B 328 14.40 11.95 -13.19
N THR B 329 15.68 12.29 -13.10
CA THR B 329 16.24 12.64 -11.79
C THR B 329 15.59 13.89 -11.19
N ASP B 330 15.26 14.88 -12.01
CA ASP B 330 14.63 16.10 -11.49
C ASP B 330 13.19 15.87 -11.03
N ILE B 331 12.49 14.95 -11.69
CA ILE B 331 11.10 14.63 -11.36
C ILE B 331 10.98 13.66 -10.18
N PHE B 332 11.73 12.56 -10.21
CA PHE B 332 11.63 11.58 -9.15
C PHE B 332 12.59 11.69 -7.99
N GLU B 333 13.52 12.66 -8.11
CA GLU B 333 14.53 12.99 -7.09
C GLU B 333 15.65 11.98 -6.81
N ASP B 334 16.62 12.38 -5.99
CA ASP B 334 17.78 11.57 -5.64
C ASP B 334 17.61 10.16 -5.02
N ALA B 335 16.69 9.97 -4.06
CA ALA B 335 16.50 8.63 -3.44
C ALA B 335 16.14 7.61 -4.52
N ILE B 336 15.06 7.89 -5.25
CA ILE B 336 14.66 6.99 -6.31
C ILE B 336 15.73 6.88 -7.39
N ALA B 337 16.43 7.98 -7.64
CA ALA B 337 17.50 8.02 -8.64
C ALA B 337 18.60 7.04 -8.26
N GLY B 338 19.00 7.07 -7.00
CA GLY B 338 20.04 6.16 -6.54
C GLY B 338 19.59 4.72 -6.71
N LEU B 339 18.38 4.41 -6.25
CA LEU B 339 17.85 3.05 -6.37
C LEU B 339 17.75 2.53 -7.79
N LEU B 340 17.31 3.37 -8.73
CA LEU B 340 17.19 2.96 -10.14
C LEU B 340 18.52 3.04 -10.91
N HIS B 341 19.60 3.32 -10.18
CA HIS B 341 20.92 3.47 -10.78
C HIS B 341 20.84 4.40 -11.97
N HIS B 342 20.16 5.52 -11.78
CA HIS B 342 20.01 6.52 -12.81
C HIS B 342 21.33 6.96 -13.41
N HIS B 343 22.28 7.34 -12.56
CA HIS B 343 23.59 7.77 -13.04
C HIS B 343 24.11 6.73 -14.04
N HIS B 344 24.12 5.47 -13.59
CA HIS B 344 24.60 4.36 -14.39
C HIS B 344 23.91 4.30 -15.75
N HIS B 345 22.58 4.24 -15.76
CA HIS B 345 21.86 4.14 -17.02
C HIS B 345 22.11 5.28 -17.99
N HIS B 346 22.42 6.46 -17.46
CA HIS B 346 22.72 7.61 -18.32
C HIS B 346 23.94 7.33 -19.23
#